data_8YLA
#
_entry.id   8YLA
#
_cell.length_a   114.308
_cell.length_b   83.623
_cell.length_c   80.055
_cell.angle_alpha   90.00
_cell.angle_beta   122.80
_cell.angle_gamma   90.00
#
_symmetry.space_group_name_H-M   'C 1 2 1'
#
loop_
_entity.id
_entity.type
_entity.pdbx_description
1 polymer 'Sesterfisherol synthase'
2 non-polymer 'MAGNESIUM ION'
3 non-polymer PYROPHOSPHATE
4 non-polymer N-benzyl-N,N-diethylethanaminium
5 water water
#
_entity_poly.entity_id   1
_entity_poly.type   'polypeptide(L)'
_entity_poly.pdbx_seq_one_letter_code
;MEVWEHSRPIADDTIKKTPSFTTLPIRINKQNDVADAATRRALRDWDYYLHDGLAERALISISELGNLGAFAYPEVPPER
LAIVTYLTDLGILHDDGYEAMDMDQARTEHREFGALFDPHEQLPSRRGTRAAKLKKLVSQILLEAIRIDRDMGMYMFDMY
NKGWLSVAGGEGKVPQFKSVEEYQAYRRDDFGIRAFWPMVEFGMAMRLSDEDKKLIEPVMEPIDKAIIWTNDYWSFDREY
HESITNGSRLTNVVEVVRQIENKSIDEAKAAVRQLLVNLEQQYLERKRAIYAQNPSIPSHLRKWIEVVGITVAGTHFWAS
CSPRHHAWRNNSRNGLKPA
;
_entity_poly.pdbx_strand_id   A,B
#
# COMPACT_ATOMS: atom_id res chain seq x y z
N MET A 1 -31.04 6.24 -5.87
CA MET A 1 -31.41 5.12 -6.75
C MET A 1 -31.66 3.84 -6.00
N GLU A 2 -32.66 3.17 -6.48
CA GLU A 2 -33.15 1.99 -5.84
C GLU A 2 -32.51 0.78 -6.46
N VAL A 3 -31.57 0.22 -5.75
CA VAL A 3 -30.83 -0.89 -6.28
C VAL A 3 -31.04 -2.18 -5.54
N TRP A 4 -31.82 -2.18 -4.50
CA TRP A 4 -32.01 -3.36 -3.69
C TRP A 4 -33.19 -4.28 -4.03
N GLU A 5 -32.94 -5.56 -3.97
CA GLU A 5 -33.86 -6.59 -4.42
C GLU A 5 -33.96 -7.78 -3.47
N HIS A 6 -32.84 -8.37 -3.11
CA HIS A 6 -32.82 -9.57 -2.26
C HIS A 6 -32.55 -9.34 -0.79
N SER A 7 -32.25 -8.09 -0.45
CA SER A 7 -31.97 -7.69 0.91
C SER A 7 -33.00 -6.70 1.50
N ARG A 8 -33.00 -6.66 2.81
CA ARG A 8 -33.85 -5.81 3.63
C ARG A 8 -33.02 -5.08 4.63
N PRO A 9 -33.41 -3.84 4.98
CA PRO A 9 -32.65 -3.09 5.98
C PRO A 9 -32.82 -3.60 7.41
N ILE A 10 -31.79 -3.64 8.23
CA ILE A 10 -31.87 -4.03 9.64
C ILE A 10 -32.36 -2.83 10.45
N ALA A 11 -33.17 -3.07 11.47
CA ALA A 11 -33.81 -1.99 12.21
C ALA A 11 -32.81 -1.22 13.10
N ASP A 12 -33.04 0.09 13.22
CA ASP A 12 -32.12 0.94 13.99
C ASP A 12 -31.97 0.45 15.42
N ASP A 13 -33.08 0.08 16.07
CA ASP A 13 -32.96 -0.36 17.46
C ASP A 13 -32.16 -1.64 17.58
N THR A 14 -32.36 -2.59 16.66
CA THR A 14 -31.53 -3.79 16.63
C THR A 14 -30.04 -3.43 16.54
N ILE A 15 -29.70 -2.44 15.71
CA ILE A 15 -28.30 -2.07 15.54
C ILE A 15 -27.75 -1.43 16.81
N LYS A 16 -28.51 -0.50 17.39
CA LYS A 16 -28.04 0.20 18.59
C LYS A 16 -27.87 -0.76 19.77
N LYS A 17 -28.53 -1.92 19.74
CA LYS A 17 -28.42 -2.95 20.77
C LYS A 17 -27.21 -3.85 20.59
N THR A 18 -26.26 -3.49 19.73
CA THR A 18 -25.03 -4.23 19.50
C THR A 18 -23.85 -3.28 19.63
N PRO A 19 -22.64 -3.80 19.74
CA PRO A 19 -21.45 -2.93 19.73
C PRO A 19 -21.00 -2.48 18.36
N SER A 20 -21.80 -2.71 17.32
CA SER A 20 -21.47 -2.25 15.99
C SER A 20 -21.14 -0.77 15.98
N PHE A 21 -20.12 -0.38 15.22
CA PHE A 21 -19.78 1.03 15.04
C PHE A 21 -19.63 1.42 13.58
N THR A 22 -20.00 0.55 12.64
CA THR A 22 -19.92 0.94 11.24
C THR A 22 -20.80 2.16 11.00
N THR A 23 -20.32 3.06 10.16
CA THR A 23 -21.05 4.26 9.77
C THR A 23 -21.92 4.04 8.55
N LEU A 24 -21.89 2.87 7.99
CA LEU A 24 -22.60 2.60 6.76
C LEU A 24 -23.90 1.84 7.04
N PRO A 25 -24.92 1.99 6.21
CA PRO A 25 -26.19 1.31 6.48
C PRO A 25 -26.10 -0.20 6.35
N ILE A 26 -26.91 -0.89 7.15
CA ILE A 26 -26.84 -2.35 7.33
C ILE A 26 -28.09 -2.98 6.73
N ARG A 27 -27.89 -4.02 5.92
CA ARG A 27 -28.95 -4.80 5.31
C ARG A 27 -28.60 -6.29 5.45
N ILE A 28 -29.61 -7.13 5.28
CA ILE A 28 -29.44 -8.58 5.33
C ILE A 28 -30.21 -9.21 4.17
N ASN A 29 -29.64 -10.27 3.60
CA ASN A 29 -30.37 -11.06 2.63
C ASN A 29 -31.69 -11.53 3.24
N LYS A 30 -32.76 -11.44 2.46
CA LYS A 30 -34.07 -11.85 2.97
C LYS A 30 -34.21 -13.35 3.19
N GLN A 31 -33.30 -14.17 2.65
CA GLN A 31 -33.40 -15.61 2.72
C GLN A 31 -32.42 -16.20 3.75
N ASN A 32 -32.50 -15.73 4.99
CA ASN A 32 -31.58 -16.20 6.02
C ASN A 32 -31.69 -17.71 6.26
N ASP A 33 -32.91 -18.27 6.17
CA ASP A 33 -33.09 -19.71 6.41
C ASP A 33 -32.30 -20.53 5.41
N VAL A 34 -32.24 -20.08 4.15
CA VAL A 34 -31.44 -20.77 3.14
C VAL A 34 -29.97 -20.75 3.51
N ALA A 35 -29.47 -19.61 4.00
CA ALA A 35 -28.09 -19.51 4.43
C ALA A 35 -27.81 -20.46 5.60
N ASP A 36 -28.70 -20.47 6.60
CA ASP A 36 -28.50 -21.34 7.75
C ASP A 36 -28.44 -22.81 7.33
N ALA A 37 -29.31 -23.21 6.41
CA ALA A 37 -29.31 -24.60 5.95
C ALA A 37 -27.99 -24.95 5.26
N ALA A 38 -27.45 -24.00 4.50
CA ALA A 38 -26.17 -24.21 3.84
C ALA A 38 -25.05 -24.37 4.86
N THR A 39 -25.05 -23.54 5.91
CA THR A 39 -24.05 -23.69 6.97
C THR A 39 -24.14 -25.07 7.62
N ARG A 40 -25.36 -25.54 7.92
CA ARG A 40 -25.50 -26.85 8.53
C ARG A 40 -25.01 -27.95 7.61
N ARG A 41 -25.22 -27.79 6.30
CA ARG A 41 -24.72 -28.74 5.34
C ARG A 41 -23.20 -28.77 5.34
N ALA A 42 -22.56 -27.59 5.37
CA ALA A 42 -21.11 -27.54 5.44
C ALA A 42 -20.59 -28.20 6.72
N LEU A 43 -21.27 -27.97 7.85
CA LEU A 43 -20.83 -28.60 9.09
C LEU A 43 -20.93 -30.12 9.02
N ARG A 44 -21.99 -30.64 8.41
CA ARG A 44 -22.15 -32.09 8.28
C ARG A 44 -21.06 -32.67 7.41
N ASP A 45 -20.80 -32.04 6.25
CA ASP A 45 -19.80 -32.56 5.34
C ASP A 45 -18.40 -32.47 5.94
N TRP A 46 -18.10 -31.38 6.64
CA TRP A 46 -16.80 -31.25 7.26
C TRP A 46 -16.63 -32.25 8.39
N ASP A 47 -17.71 -32.54 9.11
CA ASP A 47 -17.66 -33.53 10.18
C ASP A 47 -17.36 -34.92 9.61
N TYR A 48 -17.97 -35.26 8.48
CA TYR A 48 -17.66 -36.53 7.82
C TYR A 48 -16.20 -36.57 7.38
N TYR A 49 -15.64 -35.42 7.00
CA TYR A 49 -14.27 -35.34 6.50
C TYR A 49 -13.24 -35.41 7.62
N LEU A 50 -13.49 -34.73 8.74
CA LEU A 50 -12.47 -34.49 9.75
C LEU A 50 -12.61 -35.43 10.93
N HIS A 51 -11.54 -36.15 11.25
CA HIS A 51 -11.49 -36.95 12.47
C HIS A 51 -11.42 -36.05 13.70
N ASP A 52 -12.32 -36.30 14.67
CA ASP A 52 -12.25 -35.71 16.00
C ASP A 52 -12.42 -34.19 16.00
N GLY A 53 -13.26 -33.69 15.11
CA GLY A 53 -13.45 -32.26 15.10
C GLY A 53 -14.52 -31.81 16.04
N LEU A 54 -14.98 -30.57 15.86
CA LEU A 54 -16.03 -30.03 16.72
C LEU A 54 -17.43 -30.39 16.22
N ALA A 55 -17.50 -30.98 15.04
CA ALA A 55 -18.73 -31.40 14.43
C ALA A 55 -19.68 -30.23 14.36
N GLU A 56 -20.84 -30.40 14.97
CA GLU A 56 -21.86 -29.38 14.97
C GLU A 56 -21.61 -28.17 15.85
N ARG A 57 -20.58 -28.22 16.70
CA ARG A 57 -20.17 -27.14 17.58
C ARG A 57 -19.12 -26.16 17.02
N ALA A 58 -18.65 -26.33 15.77
CA ALA A 58 -17.72 -25.34 15.21
C ALA A 58 -18.45 -24.02 15.09
N LEU A 59 -17.75 -22.94 15.38
CA LEU A 59 -18.38 -21.61 15.35
C LEU A 59 -18.25 -20.71 14.16
N ILE A 60 -19.11 -20.96 13.20
CA ILE A 60 -18.96 -20.42 11.88
C ILE A 60 -20.28 -19.64 11.72
N SER A 61 -20.79 -19.47 10.53
CA SER A 61 -21.68 -18.39 10.11
C SER A 61 -22.96 -18.16 10.88
N ILE A 62 -23.45 -19.14 11.62
CA ILE A 62 -24.75 -18.98 12.28
C ILE A 62 -24.69 -18.06 13.49
N SER A 63 -25.61 -17.14 13.56
CA SER A 63 -25.71 -16.29 14.73
C SER A 63 -27.13 -15.81 14.95
N GLU A 64 -27.35 -15.25 16.11
CA GLU A 64 -28.65 -14.69 16.46
C GLU A 64 -29.01 -13.49 15.60
N LEU A 65 -28.03 -12.68 15.20
CA LEU A 65 -28.28 -11.56 14.31
C LEU A 65 -28.61 -12.04 12.90
N GLY A 66 -28.25 -13.26 12.55
CA GLY A 66 -28.37 -13.77 11.20
C GLY A 66 -27.09 -14.45 10.74
N ASN A 67 -27.18 -15.05 9.56
CA ASN A 67 -26.10 -15.84 9.03
C ASN A 67 -25.07 -14.94 8.34
N LEU A 68 -23.79 -15.21 8.60
CA LEU A 68 -22.73 -14.42 7.95
C LEU A 68 -22.94 -14.36 6.44
N GLY A 69 -23.35 -15.47 5.83
CA GLY A 69 -23.57 -15.46 4.39
C GLY A 69 -24.67 -14.52 3.96
N ALA A 70 -25.71 -14.36 4.79
CA ALA A 70 -26.77 -13.40 4.50
C ALA A 70 -26.29 -11.96 4.60
N PHE A 71 -25.22 -11.71 5.37
CA PHE A 71 -24.63 -10.38 5.48
C PHE A 71 -23.53 -10.16 4.46
N ALA A 72 -22.79 -11.20 4.08
CA ALA A 72 -21.71 -11.06 3.11
C ALA A 72 -22.23 -11.11 1.67
N TYR A 73 -23.41 -11.69 1.47
CA TYR A 73 -24.01 -11.84 0.15
C TYR A 73 -25.44 -11.32 0.17
N PRO A 74 -25.63 -10.04 0.50
CA PRO A 74 -26.99 -9.53 0.71
C PRO A 74 -27.83 -9.49 -0.54
N GLU A 75 -27.22 -9.32 -1.71
CA GLU A 75 -27.98 -9.13 -2.95
C GLU A 75 -27.80 -10.32 -3.87
N VAL A 76 -27.99 -11.51 -3.32
CA VAL A 76 -27.81 -12.76 -4.04
C VAL A 76 -29.11 -13.56 -3.93
N PRO A 77 -29.65 -14.08 -5.03
CA PRO A 77 -30.90 -14.87 -4.95
C PRO A 77 -30.68 -16.20 -4.27
N PRO A 78 -31.74 -16.87 -3.80
CA PRO A 78 -31.56 -17.98 -2.83
C PRO A 78 -30.79 -19.18 -3.34
N GLU A 79 -30.97 -19.51 -4.62
CA GLU A 79 -30.28 -20.62 -5.23
C GLU A 79 -28.77 -20.42 -5.15
N ARG A 80 -28.32 -19.23 -5.55
CA ARG A 80 -26.90 -18.90 -5.51
C ARG A 80 -26.42 -18.66 -4.08
N LEU A 81 -27.30 -18.12 -3.21
CA LEU A 81 -26.91 -17.90 -1.83
C LEU A 81 -26.52 -19.20 -1.15
N ALA A 82 -27.25 -20.29 -1.44
CA ALA A 82 -26.90 -21.57 -0.83
C ALA A 82 -25.50 -22.00 -1.23
N ILE A 83 -25.11 -21.72 -2.48
CA ILE A 83 -23.81 -22.10 -2.98
C ILE A 83 -22.71 -21.29 -2.30
N VAL A 84 -22.83 -19.96 -2.34
CA VAL A 84 -21.74 -19.14 -1.81
C VAL A 84 -21.66 -19.23 -0.30
N THR A 85 -22.79 -19.39 0.40
CA THR A 85 -22.73 -19.57 1.84
C THR A 85 -22.00 -20.87 2.18
N TYR A 86 -22.34 -21.96 1.49
CA TYR A 86 -21.67 -23.24 1.73
C TYR A 86 -20.17 -23.13 1.48
N LEU A 87 -19.77 -22.50 0.37
CA LEU A 87 -18.34 -22.40 0.06
C LEU A 87 -17.61 -21.52 1.05
N THR A 88 -18.28 -20.49 1.57
CA THR A 88 -17.67 -19.67 2.58
C THR A 88 -17.48 -20.45 3.88
N ASP A 89 -18.51 -21.19 4.30
CA ASP A 89 -18.39 -21.98 5.53
C ASP A 89 -17.36 -23.08 5.39
N LEU A 90 -17.34 -23.79 4.27
CA LEU A 90 -16.29 -24.77 4.04
C LEU A 90 -14.91 -24.11 4.09
N GLY A 91 -14.79 -22.92 3.51
CA GLY A 91 -13.52 -22.22 3.55
C GLY A 91 -13.10 -21.84 4.96
N ILE A 92 -14.05 -21.41 5.78
CA ILE A 92 -13.74 -21.07 7.17
C ILE A 92 -13.28 -22.30 7.94
N LEU A 93 -14.01 -23.42 7.78
CA LEU A 93 -13.66 -24.66 8.48
C LEU A 93 -12.27 -25.13 8.06
N HIS A 94 -12.01 -25.13 6.76
CA HIS A 94 -10.69 -25.47 6.27
C HIS A 94 -9.63 -24.51 6.82
N ASP A 95 -9.92 -23.20 6.81
CA ASP A 95 -8.93 -22.22 7.26
C ASP A 95 -8.64 -22.37 8.74
N ASP A 96 -9.65 -22.75 9.53
CA ASP A 96 -9.40 -22.98 10.95
C ASP A 96 -8.42 -24.15 11.13
N GLY A 97 -8.55 -25.20 10.33
CA GLY A 97 -7.58 -26.28 10.40
C GLY A 97 -6.19 -25.83 9.96
N TYR A 98 -6.13 -25.03 8.88
CA TYR A 98 -4.87 -24.47 8.40
C TYR A 98 -4.16 -23.67 9.48
N GLU A 99 -4.92 -22.81 10.17
CA GLU A 99 -4.35 -21.95 11.21
C GLU A 99 -3.78 -22.72 12.40
N ALA A 100 -4.30 -23.92 12.61
CA ALA A 100 -3.86 -24.77 13.72
C ALA A 100 -2.75 -25.75 13.34
N MET A 101 -2.24 -25.68 12.11
CA MET A 101 -1.20 -26.57 11.60
C MET A 101 0.13 -25.83 11.56
N ASP A 102 1.23 -26.58 11.63
CA ASP A 102 2.54 -25.98 11.40
C ASP A 102 2.59 -25.41 9.99
N MET A 103 3.42 -24.39 9.81
CA MET A 103 3.32 -23.51 8.65
C MET A 103 3.45 -24.27 7.33
N ASP A 104 4.49 -25.08 7.18
CA ASP A 104 4.72 -25.70 5.88
C ASP A 104 3.66 -26.75 5.59
N GLN A 105 3.26 -27.54 6.59
CA GLN A 105 2.21 -28.52 6.33
C GLN A 105 0.90 -27.79 6.03
N ALA A 106 0.66 -26.64 6.69
CA ALA A 106 -0.52 -25.82 6.42
C ALA A 106 -0.54 -25.35 4.96
N ARG A 107 0.60 -24.87 4.47
CA ARG A 107 0.68 -24.46 3.06
C ARG A 107 0.35 -25.61 2.14
N THR A 108 0.95 -26.77 2.40
CA THR A 108 0.71 -27.94 1.56
C THR A 108 -0.77 -28.29 1.53
N GLU A 109 -1.41 -28.22 2.69
CA GLU A 109 -2.84 -28.52 2.80
C GLU A 109 -3.67 -27.45 2.10
N HIS A 110 -3.11 -26.25 1.98
CA HIS A 110 -3.80 -25.15 1.33
C HIS A 110 -3.76 -25.30 -0.19
N ARG A 111 -2.65 -25.82 -0.70
CA ARG A 111 -2.48 -26.02 -2.13
C ARG A 111 -3.30 -27.21 -2.60
N GLU A 112 -3.29 -28.28 -1.81
CA GLU A 112 -4.04 -29.48 -2.14
C GLU A 112 -5.54 -29.22 -2.19
N PHE A 113 -6.05 -28.44 -1.23
CA PHE A 113 -7.47 -28.12 -1.25
C PHE A 113 -7.82 -27.26 -2.45
N GLY A 114 -6.97 -26.27 -2.77
CA GLY A 114 -7.22 -25.44 -3.93
C GLY A 114 -7.23 -26.22 -5.23
N ALA A 115 -6.39 -27.26 -5.34
CA ALA A 115 -6.33 -28.04 -6.56
C ALA A 115 -7.67 -28.72 -6.88
N LEU A 116 -8.48 -29.02 -5.85
CA LEU A 116 -9.79 -29.62 -6.09
C LEU A 116 -10.70 -28.70 -6.89
N PHE A 117 -10.46 -27.39 -6.82
CA PHE A 117 -11.31 -26.39 -7.44
C PHE A 117 -10.74 -25.88 -8.76
N ASP A 118 -9.54 -26.31 -9.13
CA ASP A 118 -8.86 -25.82 -10.32
C ASP A 118 -9.50 -26.40 -11.58
N PRO A 119 -10.18 -25.60 -12.39
CA PRO A 119 -10.76 -26.16 -13.63
C PRO A 119 -9.71 -26.68 -14.60
N HIS A 120 -8.46 -26.28 -14.45
CA HIS A 120 -7.38 -26.70 -15.34
C HIS A 120 -6.80 -28.06 -14.97
N GLU A 121 -7.23 -28.65 -13.86
CA GLU A 121 -6.93 -30.04 -13.52
C GLU A 121 -5.44 -30.27 -13.29
N GLN A 122 -4.75 -29.26 -12.75
CA GLN A 122 -3.35 -29.40 -12.39
C GLN A 122 -3.19 -29.89 -10.96
N LEU A 123 -1.99 -30.37 -10.65
CA LEU A 123 -1.63 -30.89 -9.34
C LEU A 123 -2.60 -32.02 -8.87
N PRO A 124 -2.83 -33.02 -9.69
CA PRO A 124 -3.70 -34.11 -9.26
C PRO A 124 -3.06 -34.86 -8.10
N SER A 125 -3.85 -35.14 -7.08
CA SER A 125 -3.34 -35.93 -5.97
C SER A 125 -3.23 -37.40 -6.38
N ARG A 126 -2.39 -38.12 -5.64
CA ARG A 126 -2.23 -39.55 -5.87
C ARG A 126 -3.50 -40.18 -5.29
N ARG A 127 -3.95 -41.28 -5.88
CA ARG A 127 -5.18 -41.93 -5.42
C ARG A 127 -4.92 -42.62 -4.09
N GLY A 128 -5.95 -42.65 -3.26
CA GLY A 128 -5.82 -43.19 -1.92
C GLY A 128 -6.84 -42.55 -1.00
N THR A 129 -6.73 -42.90 0.28
CA THR A 129 -7.75 -42.52 1.26
C THR A 129 -7.89 -41.00 1.34
N ARG A 130 -6.76 -40.31 1.47
CA ARG A 130 -6.74 -38.85 1.58
C ARG A 130 -7.46 -38.20 0.40
N ALA A 131 -7.10 -38.61 -0.80
CA ALA A 131 -7.69 -38.06 -2.01
C ALA A 131 -9.17 -38.38 -2.09
N ALA A 132 -9.57 -39.60 -1.69
CA ALA A 132 -10.97 -39.96 -1.72
C ALA A 132 -11.78 -39.10 -0.75
N LYS A 133 -11.23 -38.82 0.43
CA LYS A 133 -11.92 -37.97 1.39
C LYS A 133 -12.16 -36.57 0.83
N LEU A 134 -11.13 -36.00 0.18
CA LEU A 134 -11.26 -34.65 -0.37
C LEU A 134 -12.22 -34.62 -1.54
N LYS A 135 -12.16 -35.64 -2.41
CA LYS A 135 -13.08 -35.70 -3.54
C LYS A 135 -14.53 -35.73 -3.06
N LYS A 136 -14.81 -36.54 -2.05
CA LYS A 136 -16.17 -36.65 -1.52
C LYS A 136 -16.62 -35.33 -0.92
N LEU A 137 -15.72 -34.66 -0.20
CA LEU A 137 -16.06 -33.40 0.46
C LEU A 137 -16.61 -32.37 -0.52
N VAL A 138 -15.95 -32.21 -1.67
CA VAL A 138 -16.26 -31.11 -2.58
C VAL A 138 -17.15 -31.51 -3.76
N SER A 139 -17.47 -32.79 -3.93
CA SER A 139 -18.08 -33.25 -5.18
C SER A 139 -19.40 -32.54 -5.47
N GLN A 140 -20.26 -32.43 -4.46
CA GLN A 140 -21.60 -31.91 -4.71
C GLN A 140 -21.59 -30.42 -5.02
N ILE A 141 -20.78 -29.64 -4.31
CA ILE A 141 -20.76 -28.19 -4.55
C ILE A 141 -20.21 -27.88 -5.94
N LEU A 142 -19.22 -28.66 -6.39
CA LEU A 142 -18.68 -28.47 -7.73
C LEU A 142 -19.75 -28.68 -8.79
N LEU A 143 -20.57 -29.71 -8.63
CA LEU A 143 -21.66 -29.94 -9.58
C LEU A 143 -22.70 -28.85 -9.51
N GLU A 144 -23.09 -28.46 -8.29
CA GLU A 144 -24.22 -27.55 -8.11
C GLU A 144 -23.93 -26.17 -8.70
N ALA A 145 -22.72 -25.64 -8.48
CA ALA A 145 -22.42 -24.31 -8.98
C ALA A 145 -22.38 -24.29 -10.51
N ILE A 146 -21.82 -25.34 -11.12
CA ILE A 146 -21.74 -25.42 -12.57
C ILE A 146 -23.12 -25.58 -13.19
N ARG A 147 -23.99 -26.30 -12.49
CA ARG A 147 -25.35 -26.54 -12.97
C ARG A 147 -26.23 -25.30 -12.90
N ILE A 148 -25.79 -24.29 -12.15
CA ILE A 148 -26.55 -23.06 -12.01
C ILE A 148 -26.01 -21.94 -12.91
N ASP A 149 -24.71 -22.00 -13.19
CA ASP A 149 -24.06 -21.00 -14.02
C ASP A 149 -22.67 -21.53 -14.36
N ARG A 150 -22.55 -22.16 -15.53
CA ARG A 150 -21.27 -22.76 -15.89
C ARG A 150 -20.18 -21.70 -16.00
N ASP A 151 -20.43 -20.65 -16.78
CA ASP A 151 -19.44 -19.59 -16.99
C ASP A 151 -18.94 -19.03 -15.66
N MET A 152 -19.86 -18.62 -14.79
CA MET A 152 -19.43 -17.93 -13.59
C MET A 152 -18.97 -18.91 -12.52
N GLY A 153 -19.50 -20.14 -12.54
CA GLY A 153 -19.05 -21.13 -11.57
C GLY A 153 -17.61 -21.54 -11.79
N MET A 154 -17.24 -21.75 -13.06
CA MET A 154 -15.85 -22.05 -13.39
C MET A 154 -14.93 -20.93 -12.95
N TYR A 155 -15.34 -19.69 -13.23
CA TYR A 155 -14.56 -18.52 -12.81
C TYR A 155 -14.41 -18.47 -11.29
N MET A 156 -15.53 -18.64 -10.58
CA MET A 156 -15.50 -18.60 -9.12
C MET A 156 -14.56 -19.65 -8.55
N PHE A 157 -14.64 -20.88 -9.07
CA PHE A 157 -13.79 -21.95 -8.54
C PHE A 157 -12.32 -21.71 -8.90
N ASP A 158 -12.07 -21.24 -10.13
CA ASP A 158 -10.70 -20.89 -10.50
C ASP A 158 -10.10 -19.91 -9.52
N MET A 159 -10.88 -18.89 -9.09
CA MET A 159 -10.37 -17.87 -8.18
C MET A 159 -10.37 -18.31 -6.72
N TYR A 160 -11.25 -19.27 -6.34
CA TYR A 160 -11.16 -19.84 -5.00
C TYR A 160 -9.77 -20.43 -4.79
N ASN A 161 -9.22 -21.02 -5.85
CA ASN A 161 -7.83 -21.47 -5.86
C ASN A 161 -6.85 -20.30 -6.07
N LYS A 162 -6.89 -19.66 -7.22
CA LYS A 162 -5.91 -18.65 -7.60
C LYS A 162 -5.83 -17.42 -6.68
N GLY A 163 -6.97 -17.00 -6.12
CA GLY A 163 -6.98 -15.85 -5.25
C GLY A 163 -6.66 -16.11 -3.80
N TRP A 164 -6.85 -17.36 -3.43
CA TRP A 164 -6.82 -17.72 -2.04
C TRP A 164 -5.95 -18.91 -1.68
N LEU A 165 -6.37 -20.09 -2.05
CA LEU A 165 -5.65 -21.31 -1.65
C LEU A 165 -4.26 -21.50 -2.23
N SER A 166 -4.03 -21.01 -3.42
CA SER A 166 -2.76 -21.11 -4.07
C SER A 166 -1.71 -20.12 -3.56
N VAL A 167 -2.16 -19.07 -2.91
CA VAL A 167 -1.29 -17.99 -2.47
C VAL A 167 -1.23 -17.73 -0.97
N ALA A 168 -2.26 -18.07 -0.23
CA ALA A 168 -2.24 -17.76 1.20
C ALA A 168 -1.07 -18.43 1.90
N GLY A 169 -0.43 -17.69 2.79
CA GLY A 169 0.67 -18.19 3.58
C GLY A 169 2.05 -18.00 2.97
N GLY A 170 2.13 -17.63 1.70
CA GLY A 170 3.43 -17.47 1.07
C GLY A 170 4.26 -18.75 1.13
N GLU A 171 5.58 -18.58 1.18
CA GLU A 171 6.53 -19.67 1.38
C GLU A 171 7.67 -19.18 2.26
N GLY A 172 8.41 -20.11 2.85
CA GLY A 172 9.57 -19.74 3.64
C GLY A 172 9.22 -19.29 5.05
N LYS A 173 10.11 -18.48 5.62
CA LYS A 173 9.97 -18.08 7.02
C LYS A 173 8.67 -17.31 7.24
N VAL A 174 8.01 -17.59 8.37
CA VAL A 174 6.81 -16.83 8.74
C VAL A 174 7.18 -15.36 8.92
N PRO A 175 6.43 -14.42 8.33
CA PRO A 175 6.84 -13.01 8.44
C PRO A 175 6.66 -12.47 9.85
N GLN A 176 7.51 -11.49 10.17
CA GLN A 176 7.34 -10.65 11.35
C GLN A 176 7.06 -9.26 10.79
N PHE A 177 5.79 -8.87 10.79
CA PHE A 177 5.38 -7.68 10.06
C PHE A 177 5.96 -6.42 10.69
N LYS A 178 6.63 -5.62 9.87
CA LYS A 178 7.25 -4.38 10.33
C LYS A 178 6.58 -3.15 9.73
N SER A 179 5.50 -3.32 8.98
CA SER A 179 4.79 -2.19 8.41
C SER A 179 3.38 -2.64 8.02
N VAL A 180 2.47 -1.68 8.00
CA VAL A 180 1.11 -1.97 7.55
C VAL A 180 1.11 -2.37 6.08
N GLU A 181 1.97 -1.75 5.26
CA GLU A 181 2.09 -2.12 3.86
C GLU A 181 2.44 -3.59 3.70
N GLU A 182 3.49 -4.05 4.38
CA GLU A 182 3.88 -5.44 4.28
C GLU A 182 2.78 -6.36 4.79
N TYR A 183 2.17 -5.99 5.93
CA TYR A 183 1.06 -6.76 6.46
C TYR A 183 -0.05 -6.92 5.44
N GLN A 184 -0.46 -5.82 4.80
CA GLN A 184 -1.62 -5.86 3.93
C GLN A 184 -1.38 -6.72 2.70
N ALA A 185 -0.16 -6.70 2.15
CA ALA A 185 0.12 -7.56 1.00
C ALA A 185 -0.07 -9.03 1.37
N TYR A 186 0.45 -9.42 2.52
CA TYR A 186 0.28 -10.79 3.00
C TYR A 186 -1.17 -11.08 3.32
N ARG A 187 -1.84 -10.12 3.98
CA ARG A 187 -3.20 -10.36 4.46
C ARG A 187 -4.18 -10.48 3.30
N ARG A 188 -3.98 -9.73 2.22
CA ARG A 188 -4.87 -9.91 1.07
C ARG A 188 -4.88 -11.36 0.61
N ASP A 189 -3.70 -11.99 0.56
CA ASP A 189 -3.60 -13.40 0.19
C ASP A 189 -4.25 -14.30 1.25
N ASP A 190 -3.91 -14.06 2.53
CA ASP A 190 -4.38 -14.92 3.61
C ASP A 190 -5.89 -14.83 3.81
N PHE A 191 -6.46 -13.65 3.57
CA PHE A 191 -7.91 -13.44 3.64
C PHE A 191 -8.62 -13.99 2.42
N GLY A 192 -7.93 -14.13 1.30
CA GLY A 192 -8.60 -14.58 0.10
C GLY A 192 -9.46 -13.51 -0.55
N ILE A 193 -9.08 -12.23 -0.46
CA ILE A 193 -9.90 -11.14 -1.00
C ILE A 193 -10.16 -11.32 -2.50
N ARG A 194 -9.17 -11.85 -3.22
CA ARG A 194 -9.30 -12.05 -4.66
C ARG A 194 -10.14 -13.28 -5.00
N ALA A 195 -10.47 -14.10 -4.02
CA ALA A 195 -11.50 -15.14 -4.19
C ALA A 195 -12.88 -14.63 -3.78
N PHE A 196 -12.94 -13.73 -2.80
CA PHE A 196 -14.23 -13.28 -2.28
C PHE A 196 -15.02 -12.50 -3.32
N TRP A 197 -14.40 -11.51 -3.97
CA TRP A 197 -15.19 -10.73 -4.93
C TRP A 197 -15.70 -11.58 -6.08
N PRO A 198 -14.93 -12.54 -6.63
CA PRO A 198 -15.51 -13.45 -7.64
C PRO A 198 -16.70 -14.25 -7.12
N MET A 199 -16.71 -14.63 -5.85
CA MET A 199 -17.92 -15.25 -5.30
C MET A 199 -19.10 -14.30 -5.31
N VAL A 200 -18.88 -13.02 -5.01
CA VAL A 200 -19.96 -12.04 -5.09
C VAL A 200 -20.40 -11.88 -6.55
N GLU A 201 -19.45 -11.86 -7.48
CA GLU A 201 -19.80 -11.79 -8.90
C GLU A 201 -20.67 -12.96 -9.31
N PHE A 202 -20.27 -14.16 -8.90
CA PHE A 202 -21.11 -15.33 -9.16
C PHE A 202 -22.49 -15.15 -8.53
N GLY A 203 -22.54 -14.73 -7.27
CA GLY A 203 -23.83 -14.61 -6.58
C GLY A 203 -24.75 -13.62 -7.25
N MET A 204 -24.22 -12.53 -7.77
CA MET A 204 -24.99 -11.48 -8.43
C MET A 204 -25.07 -11.65 -9.94
N ALA A 205 -24.57 -12.76 -10.47
CA ALA A 205 -24.66 -13.09 -11.89
C ALA A 205 -24.13 -11.95 -12.77
N MET A 206 -22.96 -11.43 -12.39
CA MET A 206 -22.38 -10.33 -13.15
C MET A 206 -20.87 -10.42 -13.12
N ARG A 207 -20.26 -10.44 -14.29
CA ARG A 207 -18.82 -10.45 -14.44
C ARG A 207 -18.34 -9.02 -14.69
N LEU A 208 -17.51 -8.51 -13.80
CA LEU A 208 -16.95 -7.18 -13.99
C LEU A 208 -15.90 -7.23 -15.09
N SER A 209 -16.05 -6.36 -16.09
CA SER A 209 -15.05 -6.29 -17.14
C SER A 209 -13.78 -5.62 -16.65
N ASP A 210 -12.71 -5.73 -17.43
CA ASP A 210 -11.47 -5.02 -17.10
C ASP A 210 -11.73 -3.52 -17.00
N GLU A 211 -12.56 -2.99 -17.89
CA GLU A 211 -12.88 -1.56 -17.86
C GLU A 211 -13.60 -1.22 -16.55
N ASP A 212 -14.58 -2.05 -16.21
CA ASP A 212 -15.37 -1.90 -15.00
C ASP A 212 -14.45 -1.89 -13.77
N LYS A 213 -13.44 -2.73 -13.77
CA LYS A 213 -12.56 -2.83 -12.61
C LYS A 213 -11.72 -1.58 -12.46
N LYS A 214 -11.24 -1.01 -13.58
CA LYS A 214 -10.50 0.24 -13.52
C LYS A 214 -11.39 1.37 -13.03
N LEU A 215 -12.65 1.40 -13.47
CA LEU A 215 -13.56 2.46 -13.07
C LEU A 215 -13.83 2.42 -11.57
N ILE A 216 -13.96 1.23 -10.98
CA ILE A 216 -14.30 1.10 -9.57
C ILE A 216 -13.08 0.98 -8.67
N GLU A 217 -11.88 0.93 -9.23
CA GLU A 217 -10.66 0.91 -8.41
C GLU A 217 -10.65 1.94 -7.29
N PRO A 218 -11.09 3.18 -7.49
CA PRO A 218 -11.06 4.13 -6.37
C PRO A 218 -11.98 3.75 -5.23
N VAL A 219 -13.08 3.04 -5.53
CA VAL A 219 -13.99 2.56 -4.49
C VAL A 219 -13.43 1.32 -3.81
N MET A 220 -12.86 0.40 -4.60
CA MET A 220 -12.35 -0.85 -4.04
C MET A 220 -11.13 -0.61 -3.15
N GLU A 221 -10.40 0.49 -3.34
CA GLU A 221 -9.24 0.76 -2.48
C GLU A 221 -9.64 0.83 -1.01
N PRO A 222 -10.53 1.73 -0.57
CA PRO A 222 -10.91 1.72 0.84
C PRO A 222 -11.73 0.50 1.23
N ILE A 223 -12.54 -0.01 0.30
CA ILE A 223 -13.41 -1.15 0.62
C ILE A 223 -12.61 -2.39 0.99
N ASP A 224 -11.56 -2.70 0.23
CA ASP A 224 -10.81 -3.91 0.52
C ASP A 224 -10.12 -3.82 1.88
N LYS A 225 -9.51 -2.68 2.18
CA LYS A 225 -8.92 -2.50 3.49
C LYS A 225 -9.99 -2.59 4.57
N ALA A 226 -11.14 -1.96 4.35
CA ALA A 226 -12.16 -1.96 5.39
C ALA A 226 -12.68 -3.36 5.66
N ILE A 227 -12.95 -4.14 4.61
CA ILE A 227 -13.55 -5.45 4.86
C ILE A 227 -12.57 -6.35 5.63
N ILE A 228 -11.29 -6.26 5.30
CA ILE A 228 -10.28 -7.09 5.94
C ILE A 228 -10.01 -6.62 7.35
N TRP A 229 -9.82 -5.30 7.53
CA TRP A 229 -9.49 -4.79 8.85
C TRP A 229 -10.69 -4.83 9.79
N THR A 230 -11.92 -4.88 9.25
CA THR A 230 -13.09 -5.09 10.09
C THR A 230 -13.04 -6.47 10.72
N ASN A 231 -12.76 -7.51 9.92
CA ASN A 231 -12.56 -8.81 10.52
C ASN A 231 -11.44 -8.75 11.54
N ASP A 232 -10.32 -8.10 11.20
CA ASP A 232 -9.19 -8.08 12.14
C ASP A 232 -9.62 -7.49 13.48
N TYR A 233 -10.35 -6.36 13.43
CA TYR A 233 -10.76 -5.69 14.65
C TYR A 233 -11.55 -6.63 15.56
N TRP A 234 -12.55 -7.29 15.00
CA TRP A 234 -13.43 -8.12 15.82
C TRP A 234 -12.84 -9.47 16.19
N SER A 235 -11.90 -9.98 15.39
CA SER A 235 -11.33 -11.30 15.65
C SER A 235 -10.01 -11.25 16.42
N PHE A 236 -9.54 -10.06 16.80
CA PHE A 236 -8.25 -9.97 17.48
C PHE A 236 -8.22 -10.80 18.77
N ASP A 237 -9.25 -10.70 19.61
CA ASP A 237 -9.18 -11.37 20.91
C ASP A 237 -8.93 -12.87 20.74
N ARG A 238 -9.70 -13.51 19.86
CA ARG A 238 -9.55 -14.95 19.63
C ARG A 238 -8.18 -15.26 19.05
N GLU A 239 -7.76 -14.49 18.05
CA GLU A 239 -6.51 -14.77 17.37
C GLU A 239 -5.32 -14.56 18.29
N TYR A 240 -5.38 -13.53 19.14
CA TYR A 240 -4.32 -13.27 20.10
C TYR A 240 -4.20 -14.43 21.07
N HIS A 241 -5.33 -14.86 21.64
CA HIS A 241 -5.33 -16.02 22.52
C HIS A 241 -4.75 -17.25 21.83
N GLU A 242 -5.20 -17.56 20.62
CA GLU A 242 -4.71 -18.76 19.94
C GLU A 242 -3.21 -18.68 19.70
N SER A 243 -2.70 -17.49 19.39
CA SER A 243 -1.27 -17.38 19.11
C SER A 243 -0.45 -17.61 20.36
N ILE A 244 -0.98 -17.20 21.52
CA ILE A 244 -0.24 -17.34 22.77
C ILE A 244 -0.35 -18.77 23.30
N THR A 245 -1.59 -19.27 23.40
CA THR A 245 -1.83 -20.55 24.04
C THR A 245 -1.44 -21.72 23.14
N ASN A 246 -1.63 -21.58 21.82
CA ASN A 246 -1.43 -22.69 20.90
C ASN A 246 -0.37 -22.44 19.83
N GLY A 247 0.26 -21.27 19.80
CA GLY A 247 1.33 -21.04 18.85
C GLY A 247 0.90 -20.84 17.42
N SER A 248 -0.39 -20.60 17.19
CA SER A 248 -0.83 -20.20 15.86
C SER A 248 -0.18 -18.89 15.47
N ARG A 249 -0.10 -18.66 14.17
CA ARG A 249 0.34 -17.36 13.68
C ARG A 249 -0.71 -16.33 14.03
N LEU A 250 -0.26 -15.11 14.24
CA LEU A 250 -1.15 -14.01 14.54
C LEU A 250 -1.09 -13.10 13.31
N THR A 251 -2.20 -13.04 12.57
CA THR A 251 -2.29 -12.28 11.33
C THR A 251 -3.43 -11.28 11.53
N ASN A 252 -3.09 -10.07 11.99
CA ASN A 252 -4.13 -9.14 12.42
C ASN A 252 -3.54 -7.74 12.47
N VAL A 253 -4.19 -6.78 11.81
CA VAL A 253 -3.64 -5.42 11.81
C VAL A 253 -3.61 -4.80 13.19
N VAL A 254 -4.52 -5.20 14.09
CA VAL A 254 -4.46 -4.69 15.46
C VAL A 254 -3.14 -5.09 16.10
N GLU A 255 -2.68 -6.32 15.85
CA GLU A 255 -1.41 -6.77 16.40
C GLU A 255 -0.25 -5.99 15.79
N VAL A 256 -0.28 -5.75 14.47
CA VAL A 256 0.79 -4.99 13.85
C VAL A 256 0.92 -3.62 14.49
N VAL A 257 -0.21 -2.92 14.64
CA VAL A 257 -0.22 -1.60 15.27
C VAL A 257 0.27 -1.68 16.71
N ARG A 258 -0.22 -2.68 17.45
CA ARG A 258 0.18 -2.85 18.84
C ARG A 258 1.70 -2.97 18.96
N GLN A 259 2.32 -3.74 18.08
CA GLN A 259 3.76 -3.91 18.11
C GLN A 259 4.49 -2.66 17.63
N ILE A 260 4.25 -2.25 16.38
CA ILE A 260 5.11 -1.22 15.78
C ILE A 260 4.85 0.18 16.32
N GLU A 261 3.76 0.40 17.04
CA GLU A 261 3.52 1.66 17.73
C GLU A 261 3.57 1.52 19.25
N ASN A 262 3.98 0.36 19.76
CA ASN A 262 4.14 0.16 21.20
C ASN A 262 2.91 0.62 21.98
N LYS A 263 1.76 0.12 21.55
CA LYS A 263 0.47 0.54 22.08
C LYS A 263 -0.10 -0.56 22.96
N SER A 264 -0.96 -0.19 23.90
CA SER A 264 -1.76 -1.18 24.58
C SER A 264 -2.74 -1.80 23.60
N ILE A 265 -3.31 -2.94 23.99
CA ILE A 265 -4.36 -3.55 23.16
C ILE A 265 -5.46 -2.54 22.89
N ASP A 266 -5.93 -1.88 23.94
CA ASP A 266 -7.04 -0.94 23.77
C ASP A 266 -6.66 0.22 22.86
N GLU A 267 -5.44 0.74 22.97
CA GLU A 267 -5.00 1.82 22.09
C GLU A 267 -4.88 1.34 20.64
N ALA A 268 -4.37 0.13 20.43
CA ALA A 268 -4.27 -0.42 19.08
C ALA A 268 -5.65 -0.61 18.46
N LYS A 269 -6.59 -1.15 19.22
CA LYS A 269 -7.96 -1.28 18.73
C LYS A 269 -8.55 0.08 18.38
N ALA A 270 -8.34 1.08 19.24
CA ALA A 270 -8.89 2.40 18.97
C ALA A 270 -8.31 2.99 17.69
N ALA A 271 -7.00 2.80 17.46
CA ALA A 271 -6.39 3.25 16.22
C ALA A 271 -7.03 2.58 15.01
N VAL A 272 -7.29 1.27 15.10
CA VAL A 272 -7.87 0.56 13.97
C VAL A 272 -9.32 0.98 13.76
N ARG A 273 -10.07 1.20 14.84
CA ARG A 273 -11.42 1.72 14.69
C ARG A 273 -11.42 3.06 13.94
N GLN A 274 -10.47 3.94 14.24
CA GLN A 274 -10.40 5.20 13.51
C GLN A 274 -10.05 4.98 12.06
N LEU A 275 -9.13 4.05 11.76
CA LEU A 275 -8.85 3.73 10.38
C LEU A 275 -10.12 3.29 9.67
N LEU A 276 -10.92 2.45 10.32
CA LEU A 276 -12.11 1.88 9.69
C LEU A 276 -13.16 2.94 9.40
N VAL A 277 -13.47 3.79 10.40
CA VAL A 277 -14.49 4.80 10.14
C VAL A 277 -14.02 5.78 9.06
N ASN A 278 -12.73 6.09 9.02
CA ASN A 278 -12.21 6.96 7.98
C ASN A 278 -12.30 6.30 6.60
N LEU A 279 -12.03 4.99 6.53
CA LEU A 279 -12.15 4.28 5.25
C LEU A 279 -13.59 4.27 4.77
N GLU A 280 -14.54 4.12 5.69
CA GLU A 280 -15.94 4.12 5.28
C GLU A 280 -16.34 5.48 4.70
N GLN A 281 -15.91 6.57 5.34
CA GLN A 281 -16.17 7.89 4.78
C GLN A 281 -15.45 8.08 3.45
N GLN A 282 -14.22 7.58 3.34
CA GLN A 282 -13.50 7.68 2.09
C GLN A 282 -14.24 6.94 0.97
N TYR A 283 -14.75 5.73 1.25
CA TYR A 283 -15.60 5.03 0.30
C TYR A 283 -16.74 5.91 -0.20
N LEU A 284 -17.42 6.60 0.70
CA LEU A 284 -18.52 7.48 0.27
C LEU A 284 -18.02 8.57 -0.68
N GLU A 285 -16.87 9.15 -0.38
CA GLU A 285 -16.34 10.22 -1.23
C GLU A 285 -15.91 9.68 -2.58
N ARG A 286 -15.31 8.48 -2.60
CA ARG A 286 -14.90 7.89 -3.87
C ARG A 286 -16.12 7.51 -4.70
N LYS A 287 -17.16 7.01 -4.05
CA LYS A 287 -18.37 6.61 -4.76
C LYS A 287 -19.09 7.82 -5.36
N ARG A 288 -19.23 8.89 -4.57
CA ARG A 288 -19.81 10.13 -5.10
C ARG A 288 -19.06 10.62 -6.33
N ALA A 289 -17.72 10.54 -6.31
CA ALA A 289 -16.94 10.99 -7.46
C ALA A 289 -17.24 10.16 -8.70
N ILE A 290 -17.35 8.83 -8.56
CA ILE A 290 -17.68 8.00 -9.70
C ILE A 290 -19.02 8.41 -10.31
N TYR A 291 -20.03 8.63 -9.47
CA TYR A 291 -21.33 9.01 -10.00
C TYR A 291 -21.29 10.37 -10.68
N ALA A 292 -20.55 11.32 -10.10
CA ALA A 292 -20.43 12.64 -10.70
C ALA A 292 -19.76 12.60 -12.06
N GLN A 293 -18.86 11.63 -12.27
CA GLN A 293 -18.06 11.51 -13.48
C GLN A 293 -18.68 10.60 -14.52
N ASN A 294 -19.72 9.84 -14.17
CA ASN A 294 -20.28 8.82 -15.04
C ASN A 294 -21.80 8.89 -14.97
N PRO A 295 -22.40 9.90 -15.61
CA PRO A 295 -23.87 10.01 -15.58
C PRO A 295 -24.59 8.81 -16.18
N SER A 296 -23.93 8.10 -17.09
CA SER A 296 -24.53 6.95 -17.77
C SER A 296 -23.98 5.62 -17.26
N ILE A 297 -23.51 5.59 -16.01
CA ILE A 297 -22.96 4.37 -15.42
C ILE A 297 -23.96 3.22 -15.55
N PRO A 298 -23.52 2.05 -16.02
CA PRO A 298 -24.46 0.93 -16.18
C PRO A 298 -25.03 0.48 -14.84
N SER A 299 -26.27 -0.04 -14.92
CA SER A 299 -27.00 -0.43 -13.70
C SER A 299 -26.24 -1.47 -12.89
N HIS A 300 -25.58 -2.41 -13.55
CA HIS A 300 -24.88 -3.45 -12.81
C HIS A 300 -23.71 -2.88 -12.03
N LEU A 301 -23.08 -1.82 -12.53
CA LEU A 301 -21.94 -1.24 -11.86
C LEU A 301 -22.37 -0.36 -10.69
N ARG A 302 -23.46 0.39 -10.86
CA ARG A 302 -24.06 1.09 -9.73
C ARG A 302 -24.41 0.11 -8.62
N LYS A 303 -25.05 -1.01 -8.97
CA LYS A 303 -25.38 -2.02 -7.98
C LYS A 303 -24.14 -2.53 -7.25
N TRP A 304 -23.09 -2.86 -8.01
CA TRP A 304 -21.84 -3.33 -7.40
C TRP A 304 -21.30 -2.31 -6.41
N ILE A 305 -21.23 -1.03 -6.83
CA ILE A 305 -20.65 0.00 -5.98
C ILE A 305 -21.44 0.16 -4.69
N GLU A 306 -22.78 0.08 -4.77
CA GLU A 306 -23.57 0.18 -3.54
C GLU A 306 -23.45 -1.08 -2.71
N VAL A 307 -23.42 -2.25 -3.38
CA VAL A 307 -23.35 -3.52 -2.66
C VAL A 307 -22.07 -3.64 -1.84
N VAL A 308 -20.93 -3.21 -2.36
CA VAL A 308 -19.70 -3.42 -1.61
C VAL A 308 -19.74 -2.66 -0.28
N GLY A 309 -20.37 -1.47 -0.27
CA GLY A 309 -20.52 -0.73 0.98
C GLY A 309 -21.40 -1.43 1.99
N ILE A 310 -22.55 -1.97 1.55
CA ILE A 310 -23.36 -2.71 2.50
C ILE A 310 -22.68 -4.00 2.94
N THR A 311 -21.85 -4.59 2.08
CA THR A 311 -21.13 -5.80 2.47
C THR A 311 -20.16 -5.53 3.62
N VAL A 312 -19.47 -4.39 3.56
CA VAL A 312 -18.62 -4.00 4.68
C VAL A 312 -19.45 -3.81 5.94
N ALA A 313 -20.56 -3.08 5.83
CA ALA A 313 -21.38 -2.81 7.00
C ALA A 313 -21.96 -4.09 7.59
N GLY A 314 -22.41 -5.01 6.73
CA GLY A 314 -23.08 -6.20 7.20
C GLY A 314 -22.13 -7.18 7.85
N THR A 315 -20.95 -7.38 7.25
CA THR A 315 -19.97 -8.23 7.89
C THR A 315 -19.43 -7.59 9.18
N HIS A 316 -19.37 -6.25 9.25
CA HIS A 316 -19.06 -5.60 10.51
C HIS A 316 -20.13 -5.94 11.55
N PHE A 317 -21.40 -5.74 11.19
CA PHE A 317 -22.50 -5.96 12.11
C PHE A 317 -22.51 -7.38 12.64
N TRP A 318 -22.43 -8.36 11.73
CA TRP A 318 -22.37 -9.76 12.15
C TRP A 318 -21.21 -9.99 13.12
N ALA A 319 -20.04 -9.45 12.79
CA ALA A 319 -18.84 -9.70 13.59
C ALA A 319 -18.91 -9.06 14.97
N SER A 320 -19.74 -8.03 15.13
CA SER A 320 -19.86 -7.35 16.42
C SER A 320 -20.49 -8.20 17.49
N CYS A 321 -21.20 -9.25 17.11
CA CYS A 321 -21.86 -10.13 18.08
C CYS A 321 -21.67 -11.60 17.72
N SER A 322 -21.04 -11.86 16.57
CA SER A 322 -20.80 -13.22 16.12
C SER A 322 -20.08 -14.04 17.19
N PRO A 323 -20.62 -15.23 17.50
CA PRO A 323 -20.05 -16.14 18.50
C PRO A 323 -18.61 -16.50 18.22
N ARG A 324 -18.27 -16.72 16.95
CA ARG A 324 -16.91 -17.08 16.56
C ARG A 324 -15.87 -16.13 17.12
N HIS A 325 -16.29 -14.87 17.20
CA HIS A 325 -15.36 -13.83 17.67
C HIS A 325 -15.46 -13.44 19.12
N HIS A 326 -16.56 -13.82 19.66
CA HIS A 326 -16.98 -13.35 21.03
C HIS A 326 -17.25 -14.50 22.05
N ALA A 327 -17.76 -15.70 21.60
CA ALA A 327 -17.92 -16.86 22.48
C ALA A 327 -17.19 -18.07 21.94
N TRP A 328 -15.93 -17.89 21.57
CA TRP A 328 -15.11 -18.97 21.03
C TRP A 328 -14.54 -19.84 22.16
N VAL B 3 23.76 13.34 18.43
CA VAL B 3 23.40 12.83 17.11
C VAL B 3 23.65 13.87 16.03
N TRP B 4 23.64 15.14 16.42
CA TRP B 4 23.87 16.22 15.51
C TRP B 4 25.35 16.54 15.48
N GLU B 5 25.89 16.75 14.31
CA GLU B 5 27.29 17.11 14.16
C GLU B 5 27.47 18.19 13.10
N HIS B 6 26.83 18.02 11.95
CA HIS B 6 27.05 18.86 10.78
C HIS B 6 25.94 19.87 10.54
N SER B 7 24.87 19.83 11.34
CA SER B 7 23.69 20.66 11.12
C SER B 7 23.47 21.59 12.30
N ARG B 8 22.69 22.65 12.06
CA ARG B 8 22.29 23.62 13.06
C ARG B 8 20.79 23.81 12.97
N PRO B 9 20.13 24.16 14.07
CA PRO B 9 18.67 24.34 14.04
C PRO B 9 18.26 25.66 13.40
N ILE B 10 17.13 25.65 12.70
CA ILE B 10 16.50 26.88 12.26
C ILE B 10 15.55 27.34 13.37
N ALA B 11 15.65 28.61 13.73
CA ALA B 11 14.88 29.10 14.88
C ALA B 11 13.41 29.25 14.53
N ASP B 12 12.56 29.10 15.56
CA ASP B 12 11.12 29.32 15.38
C ASP B 12 10.83 30.68 14.77
N ASP B 13 11.59 31.71 15.16
CA ASP B 13 11.40 33.06 14.63
C ASP B 13 11.60 33.11 13.12
N THR B 14 12.50 32.28 12.59
CA THR B 14 12.69 32.23 11.15
C THR B 14 11.58 31.45 10.49
N ILE B 15 11.18 30.31 11.08
CA ILE B 15 10.20 29.44 10.46
C ILE B 15 8.86 30.15 10.30
N LYS B 16 8.51 31.01 11.27
CA LYS B 16 7.21 31.66 11.24
C LYS B 16 7.06 32.64 10.09
N LYS B 17 8.15 33.03 9.44
CA LYS B 17 8.13 33.91 8.28
C LYS B 17 7.73 33.17 7.00
N THR B 18 7.55 31.84 7.08
CA THR B 18 7.27 30.99 5.92
C THR B 18 5.92 30.31 6.10
N PRO B 19 5.36 29.71 5.03
CA PRO B 19 4.14 28.91 5.20
C PRO B 19 4.40 27.45 5.59
N SER B 20 5.61 27.14 6.05
CA SER B 20 5.90 25.79 6.51
C SER B 20 4.86 25.33 7.52
N PHE B 21 4.46 24.06 7.42
CA PHE B 21 3.56 23.47 8.39
C PHE B 21 4.08 22.13 8.93
N THR B 22 5.32 21.77 8.63
CA THR B 22 5.86 20.54 9.21
C THR B 22 5.88 20.61 10.73
N THR B 23 5.63 19.47 11.34
CA THR B 23 5.66 19.32 12.79
C THR B 23 6.97 18.73 13.28
N LEU B 24 7.91 18.44 12.39
CA LEU B 24 9.18 17.84 12.73
C LEU B 24 10.27 18.92 12.82
N PRO B 25 11.42 18.63 13.44
CA PRO B 25 12.40 19.69 13.73
C PRO B 25 13.15 20.10 12.47
N ILE B 26 13.27 21.42 12.24
CA ILE B 26 13.90 21.95 11.05
C ILE B 26 15.35 22.31 11.35
N ARG B 27 16.27 21.73 10.60
CA ARG B 27 17.70 21.98 10.72
C ARG B 27 18.26 22.17 9.31
N ILE B 28 19.46 22.73 9.24
CA ILE B 28 20.16 22.93 7.97
C ILE B 28 21.62 22.55 8.16
N ASN B 29 22.20 21.97 7.11
CA ASN B 29 23.65 21.74 7.11
C ASN B 29 24.36 23.07 7.35
N LYS B 30 25.39 23.05 8.21
CA LYS B 30 26.15 24.27 8.51
C LYS B 30 26.92 24.79 7.32
N GLN B 31 27.19 23.95 6.33
CA GLN B 31 28.01 24.30 5.16
C GLN B 31 27.14 24.61 3.94
N ASN B 32 26.16 25.50 4.14
CA ASN B 32 25.26 25.88 3.05
C ASN B 32 26.01 26.46 1.86
N ASP B 33 27.11 27.19 2.10
CA ASP B 33 27.86 27.78 0.98
C ASP B 33 28.47 26.71 0.09
N VAL B 34 28.89 25.58 0.68
CA VAL B 34 29.39 24.45 -0.11
C VAL B 34 28.30 23.90 -1.01
N ALA B 35 27.08 23.78 -0.48
CA ALA B 35 25.97 23.31 -1.30
C ALA B 35 25.69 24.29 -2.46
N ASP B 36 25.64 25.59 -2.18
CA ASP B 36 25.45 26.57 -3.25
C ASP B 36 26.52 26.46 -4.32
N ALA B 37 27.79 26.28 -3.91
CA ALA B 37 28.87 26.12 -4.89
C ALA B 37 28.67 24.88 -5.74
N ALA B 38 28.16 23.80 -5.14
CA ALA B 38 27.91 22.57 -5.90
C ALA B 38 26.79 22.78 -6.92
N THR B 39 25.75 23.53 -6.55
CA THR B 39 24.69 23.84 -7.50
C THR B 39 25.23 24.66 -8.67
N ARG B 40 26.05 25.69 -8.38
CA ARG B 40 26.65 26.46 -9.45
C ARG B 40 27.49 25.59 -10.37
N ARG B 41 28.23 24.63 -9.79
CA ARG B 41 29.02 23.71 -10.59
C ARG B 41 28.15 22.87 -11.50
N ALA B 42 27.04 22.33 -10.97
CA ALA B 42 26.13 21.53 -11.79
C ALA B 42 25.56 22.35 -12.94
N LEU B 43 25.16 23.59 -12.66
CA LEU B 43 24.62 24.47 -13.71
C LEU B 43 25.66 24.74 -14.78
N ARG B 44 26.90 25.04 -14.37
CA ARG B 44 27.98 25.28 -15.31
C ARG B 44 28.26 24.04 -16.15
N ASP B 45 28.36 22.87 -15.50
CA ASP B 45 28.68 21.64 -16.24
C ASP B 45 27.57 21.26 -17.21
N TRP B 46 26.31 21.40 -16.78
CA TRP B 46 25.19 21.12 -17.67
C TRP B 46 25.28 21.98 -18.93
N ASP B 47 25.54 23.28 -18.76
CA ASP B 47 25.65 24.17 -19.92
C ASP B 47 26.89 23.84 -20.74
N TYR B 48 28.01 23.54 -20.08
CA TYR B 48 29.25 23.28 -20.82
C TYR B 48 29.11 22.04 -21.69
N TYR B 49 28.51 20.97 -21.17
CA TYR B 49 28.44 19.71 -21.92
C TYR B 49 27.22 19.58 -22.80
N LEU B 50 26.13 20.30 -22.52
CA LEU B 50 24.92 20.18 -23.32
C LEU B 50 24.54 21.43 -24.09
N HIS B 51 24.92 22.62 -23.59
CA HIS B 51 24.58 23.91 -24.19
C HIS B 51 23.17 23.95 -24.76
N ASP B 52 22.18 24.07 -23.88
CA ASP B 52 20.78 24.05 -24.30
C ASP B 52 19.98 25.19 -23.66
N ALA B 58 17.65 28.11 -14.79
CA ALA B 58 16.93 26.96 -14.25
C ALA B 58 16.71 27.20 -12.80
N LEU B 59 15.61 26.67 -12.28
CA LEU B 59 15.31 26.81 -10.88
C LEU B 59 15.37 25.54 -10.08
N ILE B 60 16.56 25.28 -9.59
CA ILE B 60 16.90 24.05 -8.99
C ILE B 60 17.35 24.51 -7.57
N SER B 61 18.22 23.82 -6.89
CA SER B 61 18.36 23.81 -5.45
C SER B 61 18.46 25.12 -4.69
N ILE B 62 18.84 26.19 -5.37
CA ILE B 62 19.05 27.45 -4.69
C ILE B 62 17.74 28.14 -4.29
N SER B 63 17.74 28.65 -3.10
CA SER B 63 16.59 29.40 -2.61
C SER B 63 16.96 30.44 -1.56
N GLU B 64 15.97 31.26 -1.23
CA GLU B 64 16.17 32.29 -0.21
C GLU B 64 16.43 31.69 1.15
N LEU B 65 15.91 30.49 1.42
CA LEU B 65 16.07 29.86 2.73
C LEU B 65 17.36 29.06 2.85
N GLY B 66 18.05 28.86 1.73
CA GLY B 66 19.21 27.98 1.69
C GLY B 66 19.06 26.93 0.61
N ASN B 67 20.12 26.17 0.43
CA ASN B 67 20.19 25.21 -0.66
C ASN B 67 19.44 23.94 -0.31
N LEU B 68 18.69 23.41 -1.28
CA LEU B 68 18.02 22.12 -1.07
C LEU B 68 18.97 21.07 -0.54
N GLY B 69 20.20 21.02 -1.03
CA GLY B 69 21.13 20.01 -0.55
C GLY B 69 21.46 20.15 0.92
N ALA B 70 21.50 21.39 1.42
CA ALA B 70 21.75 21.61 2.84
C ALA B 70 20.58 21.17 3.71
N PHE B 71 19.37 21.12 3.14
CA PHE B 71 18.18 20.63 3.85
C PHE B 71 17.96 19.14 3.66
N ALA B 72 18.29 18.59 2.49
CA ALA B 72 18.11 17.17 2.24
C ALA B 72 19.24 16.34 2.81
N TYR B 73 20.41 16.94 3.04
CA TYR B 73 21.59 16.24 3.58
C TYR B 73 22.14 17.03 4.77
N PRO B 74 21.34 17.19 5.82
CA PRO B 74 21.78 18.03 6.94
C PRO B 74 22.96 17.48 7.70
N GLU B 75 23.12 16.15 7.76
CA GLU B 75 24.15 15.57 8.62
C GLU B 75 25.23 14.92 7.78
N VAL B 76 25.78 15.69 6.84
CA VAL B 76 26.78 15.22 5.88
C VAL B 76 27.96 16.19 5.91
N PRO B 77 29.19 15.70 6.01
CA PRO B 77 30.36 16.61 6.02
C PRO B 77 30.55 17.27 4.68
N PRO B 78 31.32 18.36 4.61
CA PRO B 78 31.29 19.20 3.39
C PRO B 78 31.79 18.53 2.12
N GLU B 79 32.81 17.69 2.20
CA GLU B 79 33.32 17.05 0.98
C GLU B 79 32.26 16.13 0.38
N ARG B 80 31.51 15.43 1.23
CA ARG B 80 30.44 14.58 0.74
C ARG B 80 29.22 15.40 0.35
N LEU B 81 28.97 16.52 1.06
CA LEU B 81 27.84 17.39 0.70
C LEU B 81 27.98 17.93 -0.71
N ALA B 82 29.21 18.28 -1.10
CA ALA B 82 29.44 18.78 -2.45
C ALA B 82 29.06 17.74 -3.49
N ILE B 83 29.31 16.46 -3.20
CA ILE B 83 28.98 15.38 -4.13
C ILE B 83 27.48 15.19 -4.23
N VAL B 84 26.81 14.99 -3.09
CA VAL B 84 25.39 14.66 -3.13
C VAL B 84 24.56 15.84 -3.62
N THR B 85 24.97 17.09 -3.31
CA THR B 85 24.22 18.23 -3.83
C THR B 85 24.35 18.31 -5.34
N TYR B 86 25.57 18.13 -5.86
CA TYR B 86 25.78 18.13 -7.29
C TYR B 86 24.94 17.05 -7.97
N LEU B 87 24.90 15.84 -7.40
CA LEU B 87 24.14 14.76 -8.01
C LEU B 87 22.65 15.02 -7.96
N THR B 88 22.19 15.70 -6.90
CA THR B 88 20.79 16.06 -6.82
C THR B 88 20.43 17.07 -7.89
N ASP B 89 21.28 18.08 -8.09
CA ASP B 89 21.01 19.11 -9.09
C ASP B 89 21.10 18.53 -10.50
N LEU B 90 22.11 17.69 -10.76
CA LEU B 90 22.16 17.00 -12.04
C LEU B 90 20.89 16.20 -12.28
N GLY B 91 20.39 15.54 -11.24
CA GLY B 91 19.16 14.77 -11.38
C GLY B 91 17.95 15.64 -11.68
N ILE B 92 17.84 16.79 -11.03
CA ILE B 92 16.73 17.71 -11.30
C ILE B 92 16.78 18.20 -12.73
N LEU B 93 17.95 18.65 -13.18
CA LEU B 93 18.07 19.16 -14.54
C LEU B 93 17.68 18.09 -15.55
N HIS B 94 18.15 16.87 -15.34
CA HIS B 94 17.78 15.78 -16.24
C HIS B 94 16.28 15.49 -16.16
N ASP B 95 15.74 15.40 -14.94
CA ASP B 95 14.34 15.02 -14.76
C ASP B 95 13.39 16.04 -15.37
N ASP B 96 13.73 17.34 -15.30
CA ASP B 96 12.86 18.34 -15.90
C ASP B 96 12.74 18.12 -17.40
N GLY B 97 13.85 17.79 -18.07
CA GLY B 97 13.76 17.47 -19.49
C GLY B 97 12.95 16.22 -19.74
N TYR B 98 13.16 15.19 -18.91
CA TYR B 98 12.42 13.93 -19.04
C TYR B 98 10.91 14.14 -18.97
N GLU B 99 10.44 14.95 -18.02
CA GLU B 99 9.01 15.18 -17.85
C GLU B 99 8.35 15.83 -19.06
N ALA B 100 9.15 16.56 -19.83
CA ALA B 100 8.71 17.28 -21.05
C ALA B 100 8.79 16.49 -22.36
N MET B 101 9.45 15.35 -22.35
CA MET B 101 9.59 14.55 -23.58
C MET B 101 8.49 13.50 -23.73
N ASP B 102 8.33 13.00 -24.96
CA ASP B 102 7.33 11.97 -25.26
C ASP B 102 7.70 10.72 -24.46
N MET B 103 6.72 10.03 -23.90
CA MET B 103 7.07 8.87 -23.08
C MET B 103 8.11 7.91 -23.59
N ASP B 104 8.01 7.53 -24.85
CA ASP B 104 9.01 6.62 -25.42
C ASP B 104 10.40 7.21 -25.35
N GLN B 105 10.55 8.45 -25.81
CA GLN B 105 11.87 9.05 -25.84
C GLN B 105 12.33 9.41 -24.42
N ALA B 106 11.39 9.81 -23.54
CA ALA B 106 11.70 10.04 -22.14
C ALA B 106 12.28 8.80 -21.49
N ARG B 107 11.64 7.65 -21.71
CA ARG B 107 12.14 6.41 -21.13
C ARG B 107 13.54 6.08 -21.65
N THR B 108 13.76 6.23 -22.95
CA THR B 108 15.09 5.95 -23.51
C THR B 108 16.14 6.86 -22.89
N GLU B 109 15.82 8.14 -22.71
CA GLU B 109 16.79 9.05 -22.11
C GLU B 109 17.09 8.69 -20.66
N HIS B 110 16.08 8.31 -19.90
CA HIS B 110 16.30 7.87 -18.53
C HIS B 110 17.23 6.63 -18.49
N ARG B 111 16.93 5.63 -19.30
CA ARG B 111 17.68 4.39 -19.23
C ARG B 111 19.12 4.60 -19.67
N GLU B 112 19.34 5.40 -20.73
CA GLU B 112 20.70 5.64 -21.20
C GLU B 112 21.48 6.50 -20.22
N PHE B 113 20.83 7.49 -19.61
CA PHE B 113 21.50 8.28 -18.57
C PHE B 113 21.87 7.40 -17.39
N GLY B 114 20.95 6.52 -16.98
CA GLY B 114 21.23 5.63 -15.87
C GLY B 114 22.42 4.71 -16.12
N ALA B 115 22.56 4.22 -17.35
CA ALA B 115 23.68 3.34 -17.67
C ALA B 115 25.02 4.02 -17.44
N LEU B 116 25.09 5.35 -17.55
CA LEU B 116 26.34 6.06 -17.30
C LEU B 116 26.80 5.96 -15.85
N PHE B 117 25.89 5.69 -14.91
CA PHE B 117 26.23 5.69 -13.49
C PHE B 117 26.69 4.33 -13.00
N ASP B 118 26.56 3.29 -13.81
CA ASP B 118 27.03 1.96 -13.45
C ASP B 118 28.52 2.06 -13.11
N PRO B 119 28.94 1.69 -11.90
CA PRO B 119 30.36 1.79 -11.55
C PRO B 119 31.22 0.67 -12.11
N HIS B 120 30.62 -0.35 -12.74
CA HIS B 120 31.34 -1.51 -13.24
C HIS B 120 31.41 -1.48 -14.75
N GLU B 121 32.47 -2.09 -15.29
CA GLU B 121 32.71 -2.07 -16.72
C GLU B 121 31.51 -2.65 -17.48
N GLN B 122 31.17 -2.02 -18.59
CA GLN B 122 30.04 -2.42 -19.41
C GLN B 122 30.50 -2.56 -20.85
N LEU B 123 29.96 -3.54 -21.56
CA LEU B 123 30.28 -3.70 -22.97
C LEU B 123 29.79 -2.48 -23.74
N PRO B 124 30.44 -2.15 -24.86
CA PRO B 124 30.02 -0.97 -25.63
C PRO B 124 28.56 -1.08 -26.07
N SER B 125 27.87 0.07 -26.06
CA SER B 125 26.47 0.16 -26.43
C SER B 125 26.24 1.46 -27.20
N ARG B 126 25.09 1.53 -27.87
CA ARG B 126 24.69 2.71 -28.60
C ARG B 126 23.98 3.64 -27.63
N ARG B 127 24.16 4.94 -27.81
CA ARG B 127 23.56 5.91 -26.90
C ARG B 127 23.42 7.18 -27.71
N GLY B 128 22.35 7.92 -27.45
CA GLY B 128 22.06 9.10 -28.22
C GLY B 128 22.99 10.22 -27.88
N THR B 129 22.77 11.35 -28.57
CA THR B 129 23.59 12.53 -28.36
C THR B 129 23.63 12.93 -26.90
N ARG B 130 22.47 12.95 -26.24
CA ARG B 130 22.37 13.52 -24.90
C ARG B 130 23.21 12.72 -23.90
N ALA B 131 23.04 11.40 -23.89
CA ALA B 131 23.83 10.57 -22.98
C ALA B 131 25.31 10.57 -23.34
N ALA B 132 25.63 10.62 -24.64
CA ALA B 132 27.03 10.66 -25.05
C ALA B 132 27.72 11.91 -24.54
N LYS B 133 27.00 13.02 -24.53
CA LYS B 133 27.55 14.30 -24.08
C LYS B 133 27.75 14.37 -22.56
N LEU B 134 27.00 13.57 -21.81
CA LEU B 134 27.11 13.57 -20.35
C LEU B 134 28.02 12.46 -19.81
N LYS B 135 28.55 11.59 -20.67
CA LYS B 135 29.33 10.45 -20.19
C LYS B 135 30.55 10.89 -19.39
N LYS B 136 31.29 11.89 -19.89
CA LYS B 136 32.47 12.38 -19.17
C LYS B 136 32.07 13.04 -17.85
N LEU B 137 30.97 13.80 -17.86
CA LEU B 137 30.50 14.44 -16.63
C LEU B 137 30.26 13.40 -15.54
N VAL B 138 29.53 12.34 -15.88
CA VAL B 138 29.19 11.33 -14.88
C VAL B 138 30.43 10.58 -14.41
N SER B 139 31.36 10.22 -15.29
CA SER B 139 32.56 9.49 -14.86
C SER B 139 33.44 10.35 -13.97
N GLN B 140 33.46 11.64 -14.25
CA GLN B 140 34.28 12.51 -13.41
C GLN B 140 33.74 12.58 -11.98
N ILE B 141 32.42 12.76 -11.82
CA ILE B 141 31.88 12.85 -10.46
C ILE B 141 31.98 11.50 -9.75
N LEU B 142 31.87 10.38 -10.48
CA LEU B 142 32.08 9.08 -9.85
C LEU B 142 33.48 8.97 -9.27
N LEU B 143 34.50 9.42 -10.01
CA LEU B 143 35.87 9.36 -9.48
C LEU B 143 36.02 10.22 -8.24
N GLU B 144 35.37 11.38 -8.20
CA GLU B 144 35.44 12.22 -7.00
C GLU B 144 34.81 11.51 -5.81
N ALA B 145 33.66 10.88 -6.02
CA ALA B 145 33.01 10.16 -4.93
C ALA B 145 33.86 8.99 -4.46
N ILE B 146 34.46 8.25 -5.40
CA ILE B 146 35.26 7.07 -5.06
C ILE B 146 36.48 7.47 -4.25
N ARG B 147 37.10 8.61 -4.60
CA ARG B 147 38.27 9.05 -3.85
C ARG B 147 37.94 9.37 -2.40
N ILE B 148 36.70 9.80 -2.14
CA ILE B 148 36.27 10.03 -0.76
C ILE B 148 35.96 8.71 -0.06
N ASP B 149 35.25 7.80 -0.74
CA ASP B 149 34.78 6.56 -0.11
C ASP B 149 34.48 5.59 -1.25
N ARG B 150 35.37 4.63 -1.48
CA ARG B 150 35.22 3.78 -2.65
C ARG B 150 33.96 2.94 -2.56
N ASP B 151 33.78 2.18 -1.49
CA ASP B 151 32.65 1.26 -1.46
C ASP B 151 31.32 2.00 -1.45
N MET B 152 31.22 3.09 -0.69
CA MET B 152 29.95 3.82 -0.62
C MET B 152 29.72 4.63 -1.89
N GLY B 153 30.78 5.12 -2.51
CA GLY B 153 30.62 5.85 -3.75
C GLY B 153 30.11 4.96 -4.87
N MET B 154 30.70 3.77 -5.00
CA MET B 154 30.24 2.84 -6.03
C MET B 154 28.80 2.40 -5.77
N TYR B 155 28.46 2.13 -4.51
CA TYR B 155 27.11 1.76 -4.12
C TYR B 155 26.11 2.87 -4.47
N MET B 156 26.42 4.10 -4.08
CA MET B 156 25.54 5.23 -4.39
C MET B 156 25.30 5.36 -5.89
N PHE B 157 26.37 5.27 -6.69
CA PHE B 157 26.21 5.42 -8.12
C PHE B 157 25.42 4.26 -8.72
N ASP B 158 25.69 3.04 -8.28
CA ASP B 158 24.91 1.89 -8.72
C ASP B 158 23.41 2.11 -8.46
N MET B 159 23.08 2.63 -7.28
CA MET B 159 21.68 2.83 -6.92
C MET B 159 21.05 4.05 -7.59
N TYR B 160 21.83 5.01 -8.03
CA TYR B 160 21.28 6.14 -8.79
C TYR B 160 20.61 5.57 -10.06
N ASN B 161 21.21 4.53 -10.60
CA ASN B 161 20.61 3.83 -11.71
C ASN B 161 19.53 2.85 -11.23
N LYS B 162 19.91 1.88 -10.43
CA LYS B 162 18.97 0.83 -10.01
C LYS B 162 17.71 1.30 -9.29
N GLY B 163 17.87 2.32 -8.47
CA GLY B 163 16.80 2.84 -7.67
C GLY B 163 15.95 3.89 -8.37
N TRP B 164 16.48 4.48 -9.40
CA TRP B 164 15.80 5.58 -10.07
C TRP B 164 15.75 5.50 -11.59
N LEU B 165 16.87 5.70 -12.24
CA LEU B 165 16.89 5.80 -13.70
C LEU B 165 16.48 4.54 -14.46
N SER B 166 16.69 3.40 -13.89
CA SER B 166 16.34 2.14 -14.51
C SER B 166 14.84 1.78 -14.33
N VAL B 167 14.14 2.49 -13.41
CA VAL B 167 12.77 2.10 -13.08
C VAL B 167 11.75 3.20 -13.31
N ALA B 168 12.15 4.46 -13.17
CA ALA B 168 11.18 5.55 -13.27
C ALA B 168 10.48 5.51 -14.63
N GLY B 169 9.19 5.78 -14.62
CA GLY B 169 8.38 5.76 -15.83
C GLY B 169 7.71 4.45 -16.13
N GLY B 170 8.03 3.39 -15.39
CA GLY B 170 7.46 2.09 -15.74
C GLY B 170 7.94 1.68 -17.12
N GLU B 171 7.20 0.76 -17.73
CA GLU B 171 7.62 0.19 -18.99
C GLU B 171 6.59 0.28 -20.11
N GLY B 172 5.40 0.82 -19.85
CA GLY B 172 4.42 0.95 -20.89
C GLY B 172 3.92 2.37 -21.08
N LYS B 173 2.63 2.50 -21.40
CA LYS B 173 2.02 3.80 -21.57
C LYS B 173 1.98 4.54 -20.23
N VAL B 174 1.81 5.86 -20.33
CA VAL B 174 1.64 6.65 -19.11
C VAL B 174 0.37 6.21 -18.39
N PRO B 175 0.43 5.83 -17.12
CA PRO B 175 -0.76 5.30 -16.45
C PRO B 175 -1.74 6.40 -16.06
N GLN B 176 -2.99 5.99 -15.90
CA GLN B 176 -4.03 6.82 -15.28
C GLN B 176 -4.23 6.29 -13.87
N PHE B 177 -3.99 7.14 -12.87
CA PHE B 177 -3.98 6.68 -11.48
C PHE B 177 -5.40 6.64 -10.93
N LYS B 178 -5.84 5.46 -10.51
CA LYS B 178 -7.18 5.25 -9.99
C LYS B 178 -7.18 4.91 -8.51
N SER B 179 -6.04 4.95 -7.86
CA SER B 179 -5.96 4.68 -6.43
C SER B 179 -4.66 5.29 -5.91
N VAL B 180 -4.66 5.63 -4.63
CA VAL B 180 -3.43 6.13 -4.05
C VAL B 180 -2.39 5.03 -4.02
N GLU B 181 -2.82 3.77 -3.81
CA GLU B 181 -1.88 2.65 -3.81
C GLU B 181 -1.14 2.55 -5.13
N GLU B 182 -1.86 2.59 -6.24
CA GLU B 182 -1.19 2.46 -7.53
C GLU B 182 -0.36 3.70 -7.83
N TYR B 183 -0.85 4.88 -7.46
CA TYR B 183 -0.04 6.08 -7.61
C TYR B 183 1.31 5.94 -6.90
N GLN B 184 1.28 5.48 -5.65
CA GLN B 184 2.49 5.49 -4.84
C GLN B 184 3.50 4.49 -5.35
N ALA B 185 3.06 3.34 -5.86
CA ALA B 185 4.02 2.41 -6.45
C ALA B 185 4.76 3.06 -7.61
N TYR B 186 4.03 3.74 -8.49
CA TYR B 186 4.65 4.44 -9.60
C TYR B 186 5.52 5.60 -9.11
N ARG B 187 5.02 6.33 -8.12
CA ARG B 187 5.72 7.55 -7.69
C ARG B 187 7.01 7.22 -6.95
N ARG B 188 7.07 6.09 -6.23
CA ARG B 188 8.34 5.71 -5.61
C ARG B 188 9.44 5.58 -6.66
N ASP B 189 9.13 4.94 -7.80
CA ASP B 189 10.10 4.82 -8.89
C ASP B 189 10.41 6.18 -9.49
N ASP B 190 9.37 6.97 -9.76
CA ASP B 190 9.52 8.27 -10.45
C ASP B 190 10.30 9.28 -9.61
N PHE B 191 10.12 9.24 -8.28
CA PHE B 191 10.82 10.11 -7.34
C PHE B 191 12.25 9.65 -7.11
N GLY B 192 12.55 8.38 -7.37
CA GLY B 192 13.86 7.83 -7.09
C GLY B 192 14.14 7.64 -5.61
N ILE B 193 13.13 7.26 -4.83
CA ILE B 193 13.32 7.11 -3.39
C ILE B 193 14.40 6.07 -3.05
N ARG B 194 14.53 5.02 -3.87
CA ARG B 194 15.52 3.97 -3.65
C ARG B 194 16.91 4.39 -4.09
N ALA B 195 17.05 5.55 -4.75
CA ALA B 195 18.35 6.16 -4.99
C ALA B 195 18.67 7.20 -3.93
N PHE B 196 17.64 7.86 -3.38
CA PHE B 196 17.85 8.93 -2.41
C PHE B 196 18.45 8.42 -1.11
N TRP B 197 17.87 7.37 -0.53
CA TRP B 197 18.43 6.90 0.74
C TRP B 197 19.87 6.42 0.60
N PRO B 198 20.27 5.72 -0.47
CA PRO B 198 21.70 5.43 -0.66
C PRO B 198 22.58 6.67 -0.75
N MET B 199 22.07 7.78 -1.28
CA MET B 199 22.86 9.01 -1.25
C MET B 199 23.05 9.50 0.18
N VAL B 200 22.01 9.38 1.02
CA VAL B 200 22.15 9.73 2.43
C VAL B 200 23.13 8.79 3.13
N GLU B 201 23.07 7.50 2.80
CA GLU B 201 24.01 6.54 3.37
C GLU B 201 25.44 6.91 3.03
N PHE B 202 25.70 7.21 1.75
CA PHE B 202 27.02 7.71 1.38
C PHE B 202 27.36 8.96 2.15
N GLY B 203 26.43 9.92 2.23
CA GLY B 203 26.75 11.18 2.88
C GLY B 203 27.12 11.01 4.33
N MET B 204 26.48 10.06 5.01
CA MET B 204 26.72 9.81 6.43
C MET B 204 27.70 8.68 6.68
N ALA B 205 28.34 8.18 5.63
CA ALA B 205 29.36 7.13 5.74
C ALA B 205 28.84 5.92 6.52
N MET B 206 27.62 5.49 6.24
CA MET B 206 27.10 4.29 6.88
C MET B 206 26.32 3.47 5.86
N ARG B 207 26.67 2.19 5.75
CA ARG B 207 25.96 1.25 4.90
C ARG B 207 25.00 0.47 5.80
N LEU B 208 23.71 0.67 5.62
CA LEU B 208 22.72 -0.05 6.41
C LEU B 208 22.75 -1.53 6.04
N SER B 209 22.80 -2.39 7.05
CA SER B 209 22.74 -3.83 6.81
C SER B 209 21.30 -4.26 6.53
N ASP B 210 21.14 -5.48 6.01
CA ASP B 210 19.79 -6.00 5.79
C ASP B 210 19.00 -6.03 7.10
N GLU B 211 19.67 -6.41 8.19
CA GLU B 211 19.03 -6.44 9.50
C GLU B 211 18.68 -5.02 9.95
N ASP B 212 19.56 -4.05 9.69
CA ASP B 212 19.24 -2.65 9.99
C ASP B 212 17.97 -2.22 9.27
N LYS B 213 17.87 -2.53 7.98
CA LYS B 213 16.73 -2.09 7.18
C LYS B 213 15.43 -2.69 7.71
N LYS B 214 15.51 -3.92 8.22
CA LYS B 214 14.34 -4.58 8.78
C LYS B 214 13.87 -3.92 10.07
N LEU B 215 14.83 -3.48 10.89
CA LEU B 215 14.50 -2.82 12.15
C LEU B 215 13.86 -1.47 11.91
N ILE B 216 14.34 -0.72 10.91
CA ILE B 216 13.85 0.63 10.64
C ILE B 216 12.64 0.69 9.73
N GLU B 217 12.21 -0.44 9.16
CA GLU B 217 11.03 -0.44 8.31
C GLU B 217 9.80 0.25 8.90
N PRO B 218 9.48 0.11 10.19
CA PRO B 218 8.29 0.82 10.69
C PRO B 218 8.43 2.32 10.67
N VAL B 219 9.65 2.84 10.79
CA VAL B 219 9.91 4.27 10.66
C VAL B 219 9.89 4.70 9.20
N MET B 220 10.47 3.90 8.30
CA MET B 220 10.56 4.30 6.91
C MET B 220 9.20 4.28 6.22
N GLU B 221 8.23 3.53 6.76
CA GLU B 221 6.91 3.49 6.14
C GLU B 221 6.27 4.86 6.09
N PRO B 222 6.03 5.56 7.20
CA PRO B 222 5.50 6.93 7.10
C PRO B 222 6.49 7.90 6.48
N ILE B 223 7.79 7.74 6.72
CA ILE B 223 8.79 8.68 6.22
C ILE B 223 8.80 8.73 4.70
N ASP B 224 8.77 7.58 4.03
CA ASP B 224 8.84 7.59 2.57
C ASP B 224 7.61 8.26 1.98
N LYS B 225 6.42 7.95 2.50
CA LYS B 225 5.23 8.62 2.01
C LYS B 225 5.31 10.11 2.28
N ALA B 226 5.77 10.48 3.47
CA ALA B 226 5.83 11.90 3.82
C ALA B 226 6.81 12.65 2.92
N ILE B 227 8.00 12.12 2.68
CA ILE B 227 8.97 12.89 1.90
C ILE B 227 8.49 13.10 0.47
N ILE B 228 7.85 12.09 -0.11
CA ILE B 228 7.33 12.18 -1.47
C ILE B 228 6.12 13.10 -1.53
N TRP B 229 5.14 12.91 -0.64
CA TRP B 229 3.93 13.69 -0.71
C TRP B 229 4.17 15.13 -0.28
N THR B 230 5.23 15.39 0.49
CA THR B 230 5.61 16.76 0.79
C THR B 230 6.04 17.48 -0.49
N ASN B 231 6.89 16.84 -1.30
CA ASN B 231 7.18 17.44 -2.60
C ASN B 231 5.91 17.63 -3.40
N ASP B 232 5.05 16.60 -3.45
CA ASP B 232 3.83 16.73 -4.25
C ASP B 232 3.02 17.93 -3.79
N TYR B 233 2.81 18.07 -2.48
CA TYR B 233 2.03 19.18 -1.96
C TYR B 233 2.56 20.51 -2.46
N TRP B 234 3.86 20.76 -2.26
CA TRP B 234 4.41 22.08 -2.56
C TRP B 234 4.64 22.31 -4.04
N SER B 235 4.83 21.26 -4.82
CA SER B 235 5.11 21.39 -6.25
C SER B 235 3.87 21.27 -7.13
N PHE B 236 2.69 21.02 -6.55
CA PHE B 236 1.48 20.86 -7.35
C PHE B 236 1.20 22.06 -8.23
N ASP B 237 1.22 23.27 -7.68
CA ASP B 237 0.81 24.45 -8.45
C ASP B 237 1.65 24.58 -9.71
N ARG B 238 2.96 24.45 -9.55
CA ARG B 238 3.87 24.59 -10.69
C ARG B 238 3.70 23.44 -11.68
N GLU B 239 3.56 22.20 -11.17
CA GLU B 239 3.37 21.06 -12.06
C GLU B 239 2.08 21.17 -12.84
N TYR B 240 1.01 21.62 -12.17
CA TYR B 240 -0.26 21.78 -12.87
C TYR B 240 -0.16 22.84 -13.95
N HIS B 241 0.44 23.99 -13.62
CA HIS B 241 0.68 25.03 -14.63
C HIS B 241 1.48 24.50 -15.80
N GLU B 242 2.57 23.79 -15.52
CA GLU B 242 3.41 23.28 -16.60
C GLU B 242 2.66 22.29 -17.46
N SER B 243 1.83 21.44 -16.85
CA SER B 243 1.09 20.46 -17.64
C SER B 243 0.17 21.15 -18.63
N ILE B 244 -0.51 22.21 -18.19
CA ILE B 244 -1.38 22.98 -19.08
C ILE B 244 -0.57 23.69 -20.15
N THR B 245 0.51 24.36 -19.75
CA THR B 245 1.15 25.31 -20.64
C THR B 245 2.06 24.65 -21.66
N ASN B 246 2.63 23.48 -21.34
CA ASN B 246 3.52 22.84 -22.29
C ASN B 246 3.42 21.32 -22.30
N GLY B 247 2.52 20.73 -21.51
CA GLY B 247 2.30 19.29 -21.56
C GLY B 247 3.23 18.46 -20.69
N SER B 248 4.13 19.08 -19.92
CA SER B 248 4.98 18.32 -19.02
C SER B 248 4.14 17.44 -18.10
N ARG B 249 4.60 16.20 -17.85
CA ARG B 249 3.75 15.22 -17.17
C ARG B 249 3.54 15.55 -15.70
N LEU B 250 2.27 15.56 -15.30
CA LEU B 250 1.83 15.83 -13.93
C LEU B 250 1.73 14.50 -13.20
N THR B 251 2.58 14.32 -12.18
CA THR B 251 2.61 13.12 -11.35
C THR B 251 2.56 13.61 -9.90
N ASN B 252 1.40 13.55 -9.26
CA ASN B 252 1.23 14.29 -8.02
C ASN B 252 0.03 13.75 -7.25
N VAL B 253 0.21 13.44 -5.96
CA VAL B 253 -0.88 12.89 -5.17
C VAL B 253 -2.04 13.86 -5.03
N VAL B 254 -1.76 15.17 -5.04
CA VAL B 254 -2.85 16.16 -4.99
C VAL B 254 -3.74 15.99 -6.20
N GLU B 255 -3.14 15.78 -7.37
CA GLU B 255 -3.92 15.57 -8.58
C GLU B 255 -4.73 14.29 -8.50
N VAL B 256 -4.14 13.22 -7.94
CA VAL B 256 -4.88 11.97 -7.80
C VAL B 256 -6.11 12.19 -6.92
N VAL B 257 -5.92 12.84 -5.79
CA VAL B 257 -7.04 13.11 -4.88
C VAL B 257 -8.11 13.97 -5.55
N ARG B 258 -7.68 15.03 -6.28
CA ARG B 258 -8.63 15.85 -7.02
C ARG B 258 -9.55 14.99 -7.88
N GLN B 259 -8.95 14.07 -8.63
CA GLN B 259 -9.69 13.25 -9.58
C GLN B 259 -10.55 12.21 -8.85
N ILE B 260 -9.94 11.37 -8.02
CA ILE B 260 -10.68 10.22 -7.50
C ILE B 260 -11.63 10.60 -6.38
N GLU B 261 -11.55 11.81 -5.84
CA GLU B 261 -12.50 12.25 -4.84
C GLU B 261 -13.33 13.44 -5.31
N ASN B 262 -13.23 13.82 -6.58
CA ASN B 262 -14.02 14.93 -7.12
C ASN B 262 -13.90 16.17 -6.22
N LYS B 263 -12.65 16.52 -5.90
CA LYS B 263 -12.35 17.63 -5.00
C LYS B 263 -11.73 18.77 -5.79
N SER B 264 -12.02 19.99 -5.35
CA SER B 264 -11.31 21.15 -5.89
C SER B 264 -9.83 21.10 -5.49
N ILE B 265 -9.04 21.96 -6.12
CA ILE B 265 -7.61 22.03 -5.76
C ILE B 265 -7.45 22.29 -4.27
N ASP B 266 -8.21 23.25 -3.72
CA ASP B 266 -8.02 23.59 -2.31
C ASP B 266 -8.51 22.47 -1.39
N GLU B 267 -9.58 21.76 -1.78
CA GLU B 267 -10.02 20.62 -0.98
C GLU B 267 -9.01 19.50 -1.01
N ALA B 268 -8.42 19.23 -2.19
CA ALA B 268 -7.40 18.19 -2.30
C ALA B 268 -6.15 18.57 -1.52
N LYS B 269 -5.74 19.84 -1.60
CA LYS B 269 -4.59 20.27 -0.80
C LYS B 269 -4.86 20.11 0.70
N ALA B 270 -6.06 20.48 1.14
CA ALA B 270 -6.36 20.36 2.56
C ALA B 270 -6.29 18.91 3.02
N ALA B 271 -6.76 17.99 2.16
CA ALA B 271 -6.69 16.57 2.50
C ALA B 271 -5.25 16.09 2.57
N VAL B 272 -4.41 16.53 1.62
CA VAL B 272 -3.02 16.10 1.62
C VAL B 272 -2.25 16.65 2.81
N ARG B 273 -2.56 17.89 3.22
CA ARG B 273 -1.94 18.46 4.41
C ARG B 273 -2.22 17.58 5.62
N GLN B 274 -3.48 17.16 5.79
CA GLN B 274 -3.82 16.30 6.92
C GLN B 274 -3.07 14.97 6.84
N LEU B 275 -2.99 14.38 5.64
CA LEU B 275 -2.20 13.16 5.48
C LEU B 275 -0.77 13.37 5.94
N LEU B 276 -0.16 14.50 5.55
CA LEU B 276 1.24 14.75 5.88
C LEU B 276 1.45 14.92 7.38
N VAL B 277 0.64 15.75 8.03
CA VAL B 277 0.83 15.93 9.46
C VAL B 277 0.60 14.62 10.19
N ASN B 278 -0.38 13.83 9.75
CA ASN B 278 -0.61 12.54 10.40
C ASN B 278 0.57 11.60 10.19
N LEU B 279 1.18 11.63 9.00
CA LEU B 279 2.35 10.78 8.75
C LEU B 279 3.52 11.19 9.62
N GLU B 280 3.71 12.50 9.81
CA GLU B 280 4.81 12.96 10.65
C GLU B 280 4.61 12.49 12.08
N GLN B 281 3.37 12.60 12.59
CA GLN B 281 3.12 12.15 13.95
C GLN B 281 3.22 10.63 14.06
N GLN B 282 2.84 9.91 13.00
CA GLN B 282 3.02 8.46 12.99
C GLN B 282 4.49 8.09 13.05
N TYR B 283 5.32 8.77 12.27
CA TYR B 283 6.77 8.58 12.37
C TYR B 283 7.25 8.73 13.81
N LEU B 284 6.80 9.77 14.51
CA LEU B 284 7.23 9.94 15.90
C LEU B 284 6.81 8.76 16.78
N GLU B 285 5.61 8.21 16.53
CA GLU B 285 5.15 7.07 17.32
C GLU B 285 5.93 5.80 16.98
N ARG B 286 6.21 5.60 15.70
CA ARG B 286 6.99 4.43 15.29
C ARG B 286 8.40 4.52 15.85
N LYS B 287 8.96 5.74 15.85
CA LYS B 287 10.31 5.96 16.38
C LYS B 287 10.34 5.75 17.89
N ARG B 288 9.36 6.30 18.61
CA ARG B 288 9.28 6.06 20.06
C ARG B 288 9.25 4.56 20.36
N ALA B 289 8.51 3.80 19.55
CA ALA B 289 8.39 2.37 19.78
C ALA B 289 9.74 1.67 19.61
N ILE B 290 10.52 2.08 18.62
CA ILE B 290 11.85 1.51 18.41
C ILE B 290 12.73 1.74 19.64
N TYR B 291 12.73 2.97 20.17
CA TYR B 291 13.52 3.24 21.37
C TYR B 291 13.03 2.41 22.55
N ALA B 292 11.72 2.35 22.74
CA ALA B 292 11.16 1.60 23.88
C ALA B 292 11.49 0.12 23.79
N GLN B 293 11.68 -0.40 22.59
CA GLN B 293 11.89 -1.84 22.37
C GLN B 293 13.36 -2.19 22.10
N ASN B 294 14.25 -1.20 22.00
CA ASN B 294 15.66 -1.43 21.72
C ASN B 294 16.51 -0.56 22.63
N PRO B 295 16.68 -0.95 23.89
CA PRO B 295 17.45 -0.12 24.83
C PRO B 295 18.92 0.04 24.45
N SER B 296 19.44 -0.81 23.56
CA SER B 296 20.85 -0.79 23.18
C SER B 296 21.04 -0.60 21.68
N ILE B 297 20.19 0.23 21.08
CA ILE B 297 20.23 0.45 19.63
C ILE B 297 21.59 0.98 19.20
N PRO B 298 22.19 0.46 18.13
CA PRO B 298 23.49 0.96 17.70
C PRO B 298 23.43 2.43 17.34
N SER B 299 24.55 3.12 17.58
CA SER B 299 24.57 4.57 17.42
C SER B 299 24.27 5.00 15.98
N HIS B 300 24.72 4.23 14.99
CA HIS B 300 24.48 4.62 13.60
C HIS B 300 22.99 4.50 13.25
N LEU B 301 22.29 3.55 13.85
CA LEU B 301 20.87 3.39 13.59
C LEU B 301 20.06 4.43 14.33
N ARG B 302 20.46 4.79 15.54
CA ARG B 302 19.87 5.95 16.20
C ARG B 302 20.02 7.18 15.33
N LYS B 303 21.22 7.41 14.80
CA LYS B 303 21.42 8.57 13.92
C LYS B 303 20.50 8.49 12.71
N TRP B 304 20.40 7.32 12.08
CA TRP B 304 19.57 7.19 10.89
C TRP B 304 18.11 7.55 11.19
N ILE B 305 17.54 6.96 12.24
CA ILE B 305 16.10 7.15 12.48
C ILE B 305 15.81 8.59 12.88
N GLU B 306 16.77 9.29 13.49
CA GLU B 306 16.59 10.69 13.80
C GLU B 306 16.77 11.57 12.55
N VAL B 307 17.75 11.24 11.72
CA VAL B 307 18.05 12.05 10.54
C VAL B 307 16.89 12.02 9.55
N VAL B 308 16.23 10.87 9.39
CA VAL B 308 15.16 10.85 8.39
C VAL B 308 14.05 11.83 8.74
N GLY B 309 13.78 12.02 10.03
CA GLY B 309 12.77 12.99 10.43
C GLY B 309 13.15 14.43 10.11
N ILE B 310 14.39 14.82 10.41
CA ILE B 310 14.79 16.16 10.05
C ILE B 310 14.90 16.31 8.54
N THR B 311 15.15 15.23 7.81
CA THR B 311 15.19 15.33 6.34
C THR B 311 13.82 15.66 5.77
N VAL B 312 12.77 15.04 6.32
CA VAL B 312 11.42 15.41 5.91
C VAL B 312 11.13 16.85 6.27
N ALA B 313 11.48 17.25 7.50
CA ALA B 313 11.19 18.62 7.94
C ALA B 313 11.91 19.63 7.06
N GLY B 314 13.18 19.35 6.73
CA GLY B 314 13.99 20.33 6.02
C GLY B 314 13.58 20.45 4.56
N THR B 315 13.27 19.33 3.92
CA THR B 315 12.79 19.41 2.55
C THR B 315 11.40 20.03 2.49
N HIS B 316 10.57 19.85 3.53
CA HIS B 316 9.31 20.57 3.62
C HIS B 316 9.58 22.07 3.70
N PHE B 317 10.43 22.47 4.65
CA PHE B 317 10.72 23.88 4.86
C PHE B 317 11.24 24.52 3.57
N TRP B 318 12.22 23.90 2.93
CA TRP B 318 12.73 24.44 1.67
C TRP B 318 11.62 24.57 0.64
N ALA B 319 10.80 23.54 0.50
CA ALA B 319 9.77 23.54 -0.52
C ALA B 319 8.70 24.58 -0.27
N SER B 320 8.52 25.02 0.99
CA SER B 320 7.49 25.99 1.32
C SER B 320 7.74 27.35 0.68
N CYS B 321 8.99 27.65 0.27
CA CYS B 321 9.34 28.95 -0.28
C CYS B 321 10.15 28.90 -1.56
N SER B 322 10.52 27.72 -2.05
CA SER B 322 11.55 27.69 -3.08
C SER B 322 11.07 28.32 -4.39
N PRO B 323 11.96 29.04 -5.09
CA PRO B 323 11.60 29.58 -6.39
C PRO B 323 11.19 28.45 -7.38
N ARG B 324 11.78 27.29 -7.27
CA ARG B 324 11.42 26.18 -8.14
C ARG B 324 9.93 25.83 -8.08
N HIS B 325 9.31 25.98 -6.92
CA HIS B 325 7.92 25.66 -6.78
C HIS B 325 6.99 26.87 -6.82
N HIS B 326 7.53 28.04 -6.57
CA HIS B 326 6.71 29.23 -6.38
C HIS B 326 6.93 30.43 -7.30
N ALA B 327 8.02 30.41 -8.03
CA ALA B 327 8.37 31.54 -8.94
C ALA B 327 7.48 31.65 -10.18
N TRP B 328 6.78 30.58 -10.53
CA TRP B 328 5.85 30.54 -11.67
C TRP B 328 4.74 31.63 -11.61
N ARG B 329 4.33 32.04 -10.41
CA ARG B 329 3.41 33.13 -10.24
C ARG B 329 3.90 33.97 -9.11
N ASN B 330 4.33 35.20 -9.37
CA ASN B 330 4.80 36.06 -8.29
C ASN B 330 3.65 36.95 -7.90
#